data_5SVN
#
_entry.id   5SVN
#
_cell.length_a   66.691
_cell.length_b   59.292
_cell.length_c   105.162
_cell.angle_alpha   90.000
_cell.angle_beta   93.270
_cell.angle_gamma   90.000
#
_symmetry.space_group_name_H-M   'P 1 21 1'
#
loop_
_entity.id
_entity.type
_entity.pdbx_description
1 polymer 'Isocitrate dehydrogenase [NADP], mitochondrial'
2 non-polymer 'NADPH DIHYDRO-NICOTINAMIDE-ADENINE-DINUCLEOTIDE PHOSPHATE'
3 non-polymer DI(HYDROXYETHYL)ETHER
4 water water
#
_entity_poly.entity_id   1
_entity_poly.type   'polypeptide(L)'
_entity_poly.pdbx_seq_one_letter_code
;ADKRIKVAKPVVEMDGDEMTRIIWQFIKEKLILPHVDIQLKYFDLGLPNRDQTDDQVTIDSALATQKYSVAVKCATITPD
EARVEEFKLKKMWKSPNGTIRNILGGTVFREPIICKNIPRLVPGWTKPITIGKHAHGDQYKATDFVADRAGTFKMVFTPK
DGSGVKEWEVYNFPAGGVGMGMYNTDESISGFAHSCFQYAIQKKWPLYMSTKNTILKAYDGRFKDIFQEIFDKHYKTDFD
KNKIWYEHRLIDDMVAQVLKSSGGFVWACKNYDGDVQSDILAQGFGSLGLMTSVLVCPDGKTIEAEAAHGTVTRHYREHQ
KGRPTSTNPIASIFAWTRGLEHRGKLDGNQDLIRFAQMLEKVCVETVESGAMTKDLAGCIHGLSNVKLNEHFLNTTDFLD
TIKSNLDRALGRQSLEHHHHHHHH
;
_entity_poly.pdbx_strand_id   A,B
#
# COMPACT_ATOMS: atom_id res chain seq x y z
N ARG A 4 -4.95 -32.32 -31.91
CA ARG A 4 -5.81 -31.87 -30.80
C ARG A 4 -5.64 -32.80 -29.57
N ILE A 5 -5.06 -32.24 -28.47
CA ILE A 5 -4.76 -32.94 -27.22
C ILE A 5 -6.03 -33.29 -26.41
N LYS A 6 -6.20 -34.58 -26.12
CA LYS A 6 -7.34 -35.07 -25.33
C LYS A 6 -7.03 -34.85 -23.84
N VAL A 7 -8.02 -34.31 -23.10
CA VAL A 7 -7.89 -34.05 -21.67
C VAL A 7 -8.90 -34.90 -20.91
N ALA A 8 -8.39 -35.74 -19.98
CA ALA A 8 -9.15 -36.69 -19.17
C ALA A 8 -10.16 -36.05 -18.22
N LYS A 9 -9.70 -35.09 -17.39
CA LYS A 9 -10.53 -34.43 -16.39
C LYS A 9 -10.92 -32.98 -16.78
N PRO A 10 -12.07 -32.44 -16.29
CA PRO A 10 -12.43 -31.07 -16.67
C PRO A 10 -11.69 -29.95 -15.93
N VAL A 11 -11.87 -28.71 -16.43
CA VAL A 11 -11.33 -27.47 -15.88
C VAL A 11 -12.51 -26.51 -15.67
N VAL A 12 -12.57 -25.87 -14.51
CA VAL A 12 -13.62 -24.90 -14.19
C VAL A 12 -13.27 -23.60 -14.93
N GLU A 13 -14.23 -23.06 -15.67
CA GLU A 13 -14.05 -21.84 -16.42
C GLU A 13 -14.98 -20.78 -15.84
N MET A 14 -14.41 -19.65 -15.40
CA MET A 14 -15.21 -18.58 -14.83
C MET A 14 -15.16 -17.41 -15.81
N ASP A 15 -16.24 -17.21 -16.58
CA ASP A 15 -16.36 -16.13 -17.56
C ASP A 15 -16.51 -14.80 -16.81
N GLY A 16 -16.08 -13.70 -17.43
CA GLY A 16 -16.11 -12.43 -16.74
C GLY A 16 -16.86 -11.29 -17.37
N ASP A 17 -16.28 -10.09 -17.23
CA ASP A 17 -16.90 -8.86 -17.67
C ASP A 17 -16.06 -8.01 -18.58
N GLU A 18 -16.75 -7.06 -19.24
CA GLU A 18 -16.29 -6.01 -20.13
C GLU A 18 -15.15 -6.43 -21.06
N MET A 19 -14.04 -5.65 -21.11
CA MET A 19 -12.91 -5.88 -22.02
C MET A 19 -12.27 -7.26 -21.90
N THR A 20 -12.15 -7.78 -20.66
CA THR A 20 -11.56 -9.09 -20.42
C THR A 20 -12.49 -10.22 -20.93
N ARG A 21 -13.84 -10.03 -20.88
CA ARG A 21 -14.80 -11.00 -21.43
C ARG A 21 -14.56 -11.18 -22.93
N ILE A 22 -14.28 -10.06 -23.65
CA ILE A 22 -13.97 -10.03 -25.09
C ILE A 22 -12.70 -10.83 -25.38
N ILE A 23 -11.63 -10.55 -24.62
CA ILE A 23 -10.33 -11.21 -24.75
C ILE A 23 -10.45 -12.71 -24.46
N TRP A 24 -11.19 -13.08 -23.37
CA TRP A 24 -11.45 -14.44 -22.89
C TRP A 24 -12.07 -15.30 -23.99
N GLN A 25 -13.20 -14.82 -24.59
CA GLN A 25 -13.91 -15.49 -25.69
C GLN A 25 -12.95 -15.85 -26.83
N PHE A 26 -12.08 -14.92 -27.24
CA PHE A 26 -11.09 -15.17 -28.28
C PHE A 26 -10.12 -16.28 -27.84
N ILE A 27 -9.57 -16.19 -26.60
CA ILE A 27 -8.62 -17.20 -26.11
C ILE A 27 -9.24 -18.59 -26.15
N LYS A 28 -10.41 -18.75 -25.53
CA LYS A 28 -11.12 -20.03 -25.47
C LYS A 28 -11.39 -20.61 -26.87
N GLU A 29 -12.13 -19.87 -27.71
CA GLU A 29 -12.57 -20.31 -29.03
C GLU A 29 -11.48 -20.38 -30.10
N LYS A 30 -10.46 -19.51 -30.07
CA LYS A 30 -9.42 -19.48 -31.11
C LYS A 30 -8.02 -19.94 -30.68
N LEU A 31 -7.75 -20.03 -29.36
CA LEU A 31 -6.39 -20.41 -28.93
C LEU A 31 -6.32 -21.73 -28.17
N ILE A 32 -7.38 -22.09 -27.44
CA ILE A 32 -7.41 -23.29 -26.60
C ILE A 32 -8.16 -24.45 -27.26
N LEU A 33 -9.49 -24.30 -27.45
CA LEU A 33 -10.40 -25.29 -28.04
C LEU A 33 -9.96 -25.82 -29.45
N PRO A 34 -9.38 -25.02 -30.39
CA PRO A 34 -8.94 -25.60 -31.68
C PRO A 34 -7.83 -26.65 -31.56
N HIS A 35 -7.04 -26.61 -30.47
CA HIS A 35 -5.91 -27.51 -30.25
C HIS A 35 -6.04 -28.37 -29.01
N VAL A 36 -7.12 -28.18 -28.21
CA VAL A 36 -7.30 -28.95 -26.98
C VAL A 36 -8.73 -29.46 -26.84
N ASP A 37 -8.87 -30.79 -26.79
CA ASP A 37 -10.15 -31.44 -26.55
C ASP A 37 -10.26 -31.53 -25.03
N ILE A 38 -10.76 -30.44 -24.43
CA ILE A 38 -10.95 -30.28 -23.00
C ILE A 38 -12.42 -30.02 -22.68
N GLN A 39 -12.89 -30.65 -21.61
CA GLN A 39 -14.22 -30.49 -21.06
C GLN A 39 -14.11 -29.28 -20.11
N LEU A 40 -14.99 -28.28 -20.29
CA LEU A 40 -15.00 -27.11 -19.43
C LEU A 40 -16.29 -27.02 -18.66
N LYS A 41 -16.19 -26.95 -17.32
CA LYS A 41 -17.34 -26.76 -16.45
C LYS A 41 -17.53 -25.25 -16.44
N TYR A 42 -18.35 -24.74 -17.39
CA TYR A 42 -18.60 -23.32 -17.61
C TYR A 42 -19.48 -22.67 -16.55
N PHE A 43 -18.96 -21.57 -15.97
CA PHE A 43 -19.66 -20.76 -14.99
C PHE A 43 -19.58 -19.32 -15.42
N ASP A 44 -20.74 -18.71 -15.64
CA ASP A 44 -20.77 -17.33 -16.08
C ASP A 44 -20.71 -16.40 -14.89
N LEU A 45 -19.52 -15.81 -14.66
CA LEU A 45 -19.35 -14.86 -13.56
C LEU A 45 -19.49 -13.44 -14.08
N GLY A 46 -20.17 -13.30 -15.22
CA GLY A 46 -20.53 -12.02 -15.79
C GLY A 46 -21.51 -11.38 -14.83
N LEU A 47 -21.38 -10.07 -14.61
CA LEU A 47 -22.23 -9.34 -13.69
C LEU A 47 -23.74 -9.55 -13.98
N PRO A 48 -24.24 -9.53 -15.25
CA PRO A 48 -25.69 -9.79 -15.45
C PRO A 48 -26.15 -11.15 -14.92
N ASN A 49 -25.33 -12.22 -15.13
CA ASN A 49 -25.62 -13.57 -14.64
C ASN A 49 -25.51 -13.68 -13.14
N ARG A 50 -24.54 -12.97 -12.52
CA ARG A 50 -24.39 -12.97 -11.07
C ARG A 50 -25.61 -12.35 -10.41
N ASP A 51 -26.14 -11.25 -10.98
CA ASP A 51 -27.33 -10.58 -10.46
C ASP A 51 -28.57 -11.49 -10.61
N GLN A 52 -28.76 -12.09 -11.81
CA GLN A 52 -29.86 -13.00 -12.15
C GLN A 52 -29.90 -14.22 -11.22
N THR A 53 -28.73 -14.83 -10.93
CA THR A 53 -28.62 -16.00 -10.06
C THR A 53 -28.46 -15.61 -8.59
N ASP A 54 -28.53 -14.31 -8.26
CA ASP A 54 -28.37 -13.74 -6.91
C ASP A 54 -27.05 -14.18 -6.26
N ASP A 55 -25.98 -14.13 -7.06
CA ASP A 55 -24.59 -14.46 -6.76
C ASP A 55 -24.35 -15.95 -6.41
N GLN A 56 -25.34 -16.82 -6.69
CA GLN A 56 -25.20 -18.27 -6.43
C GLN A 56 -24.20 -18.91 -7.39
N VAL A 57 -24.13 -18.43 -8.65
CA VAL A 57 -23.20 -18.90 -9.68
C VAL A 57 -21.71 -18.82 -9.21
N THR A 58 -21.39 -17.82 -8.36
CA THR A 58 -20.06 -17.60 -7.81
C THR A 58 -19.66 -18.72 -6.86
N ILE A 59 -20.54 -19.03 -5.88
CA ILE A 59 -20.37 -20.09 -4.88
C ILE A 59 -20.25 -21.44 -5.59
N ASP A 60 -21.11 -21.68 -6.61
CA ASP A 60 -21.12 -22.92 -7.42
C ASP A 60 -19.81 -23.11 -8.16
N SER A 61 -19.26 -22.03 -8.76
CA SER A 61 -17.99 -22.10 -9.49
C SER A 61 -16.83 -22.47 -8.56
N ALA A 62 -16.88 -22.00 -7.30
CA ALA A 62 -15.87 -22.27 -6.28
C ALA A 62 -15.95 -23.73 -5.79
N LEU A 63 -17.18 -24.25 -5.58
CA LEU A 63 -17.40 -25.64 -5.15
C LEU A 63 -17.00 -26.62 -6.24
N ALA A 64 -17.19 -26.22 -7.51
CA ALA A 64 -16.77 -27.00 -8.67
C ALA A 64 -15.26 -27.01 -8.76
N THR A 65 -14.59 -25.90 -8.36
CA THR A 65 -13.14 -25.79 -8.35
C THR A 65 -12.57 -26.74 -7.30
N GLN A 66 -13.16 -26.79 -6.09
CA GLN A 66 -12.73 -27.70 -5.03
C GLN A 66 -12.85 -29.14 -5.51
N LYS A 67 -13.88 -29.42 -6.33
CA LYS A 67 -14.18 -30.73 -6.89
C LYS A 67 -13.21 -31.12 -8.01
N TYR A 68 -13.12 -30.31 -9.08
CA TYR A 68 -12.33 -30.59 -10.29
C TYR A 68 -10.86 -30.12 -10.23
N SER A 69 -10.44 -29.51 -9.11
CA SER A 69 -9.07 -29.05 -8.75
C SER A 69 -8.49 -27.86 -9.56
N VAL A 70 -9.06 -27.51 -10.72
CA VAL A 70 -8.49 -26.41 -11.52
C VAL A 70 -9.57 -25.41 -11.99
N ALA A 71 -9.27 -24.09 -11.86
CA ALA A 71 -10.13 -23.00 -12.33
C ALA A 71 -9.32 -21.96 -13.11
N VAL A 72 -9.93 -21.42 -14.18
CA VAL A 72 -9.37 -20.33 -15.00
C VAL A 72 -10.38 -19.17 -14.94
N LYS A 73 -9.98 -18.05 -14.31
CA LYS A 73 -10.93 -16.95 -14.09
C LYS A 73 -10.63 -15.71 -14.90
N CYS A 74 -11.69 -15.18 -15.52
CA CYS A 74 -11.70 -13.94 -16.29
C CYS A 74 -11.94 -12.82 -15.27
N ALA A 75 -11.39 -11.62 -15.51
CA ALA A 75 -11.62 -10.51 -14.56
C ALA A 75 -13.13 -10.17 -14.47
N THR A 76 -13.63 -9.89 -13.25
CA THR A 76 -15.06 -9.63 -13.00
C THR A 76 -15.29 -8.26 -12.34
N ILE A 77 -16.48 -7.66 -12.55
CA ILE A 77 -16.86 -6.39 -11.95
C ILE A 77 -17.27 -6.62 -10.52
N THR A 78 -16.73 -5.82 -9.60
CA THR A 78 -17.17 -5.81 -8.22
C THR A 78 -18.06 -4.56 -8.13
N PRO A 79 -19.39 -4.75 -7.99
CA PRO A 79 -20.29 -3.61 -8.05
C PRO A 79 -20.31 -2.66 -6.86
N ASP A 80 -20.38 -1.35 -7.18
CA ASP A 80 -20.56 -0.27 -6.21
C ASP A 80 -21.89 0.47 -6.61
N GLU A 81 -22.24 1.58 -5.94
CA GLU A 81 -23.49 2.32 -6.21
C GLU A 81 -23.68 2.66 -7.69
N ALA A 82 -22.57 3.05 -8.37
CA ALA A 82 -22.53 3.39 -9.79
C ALA A 82 -22.83 2.17 -10.67
N ARG A 83 -22.32 0.97 -10.30
CA ARG A 83 -22.57 -0.24 -11.07
C ARG A 83 -24.02 -0.69 -10.96
N VAL A 84 -24.65 -0.44 -9.79
CA VAL A 84 -26.07 -0.74 -9.51
C VAL A 84 -26.95 0.00 -10.53
N GLU A 85 -26.68 1.30 -10.77
CA GLU A 85 -27.38 2.12 -11.75
C GLU A 85 -27.12 1.62 -13.18
N GLU A 86 -25.82 1.40 -13.53
CA GLU A 86 -25.36 0.96 -14.85
C GLU A 86 -25.90 -0.42 -15.29
N PHE A 87 -26.08 -1.34 -14.33
CA PHE A 87 -26.52 -2.70 -14.62
C PHE A 87 -27.93 -3.03 -14.14
N LYS A 88 -28.57 -2.11 -13.40
CA LYS A 88 -29.93 -2.26 -12.84
C LYS A 88 -29.98 -3.48 -11.89
N LEU A 89 -28.97 -3.56 -11.01
CA LEU A 89 -28.80 -4.66 -10.06
C LEU A 89 -29.79 -4.65 -8.91
N LYS A 90 -29.95 -5.81 -8.27
CA LYS A 90 -30.82 -6.05 -7.11
C LYS A 90 -30.14 -5.50 -5.86
N LYS A 91 -28.79 -5.58 -5.80
CA LYS A 91 -27.95 -5.10 -4.70
C LYS A 91 -26.47 -5.03 -5.13
N MET A 92 -25.61 -4.47 -4.25
CA MET A 92 -24.17 -4.38 -4.49
C MET A 92 -23.58 -5.72 -4.06
N TRP A 93 -23.44 -6.63 -5.03
CA TRP A 93 -22.91 -7.97 -4.82
C TRP A 93 -21.46 -7.94 -4.33
N LYS A 94 -21.10 -8.88 -3.44
CA LYS A 94 -19.76 -9.03 -2.90
C LYS A 94 -18.82 -9.46 -4.02
N SER A 95 -17.52 -9.10 -3.89
CA SER A 95 -16.47 -9.45 -4.86
C SER A 95 -16.44 -10.95 -5.16
N PRO A 96 -16.57 -11.39 -6.44
CA PRO A 96 -16.49 -12.83 -6.73
C PRO A 96 -15.16 -13.42 -6.28
N ASN A 97 -14.06 -12.64 -6.46
CA ASN A 97 -12.69 -12.99 -6.05
C ASN A 97 -12.65 -13.24 -4.54
N GLY A 98 -13.27 -12.34 -3.78
CA GLY A 98 -13.40 -12.46 -2.33
C GLY A 98 -14.18 -13.70 -1.92
N THR A 99 -15.29 -13.98 -2.62
CA THR A 99 -16.14 -15.15 -2.35
C THR A 99 -15.39 -16.45 -2.64
N ILE A 100 -14.76 -16.55 -3.83
CA ILE A 100 -14.01 -17.71 -4.29
C ILE A 100 -12.80 -17.97 -3.39
N ARG A 101 -11.97 -16.93 -3.16
CA ARG A 101 -10.78 -17.05 -2.32
C ARG A 101 -11.13 -17.44 -0.89
N ASN A 102 -12.26 -16.96 -0.44
CA ASN A 102 -12.60 -17.32 1.02
CA ASN A 102 -12.60 -17.45 0.89
C ASN A 102 -13.11 -18.94 1.15
N ILE A 103 -13.70 -19.29 0.00
CA ILE A 103 -14.20 -20.68 -0.05
C ILE A 103 -13.00 -21.62 -0.24
N LEU A 104 -12.13 -21.29 -1.21
CA LEU A 104 -10.97 -22.12 -1.53
C LEU A 104 -9.81 -21.99 -0.55
N GLY A 105 -9.52 -20.76 -0.13
CA GLY A 105 -8.41 -20.43 0.76
C GLY A 105 -7.06 -20.52 0.06
N GLY A 106 -6.01 -20.16 0.80
CA GLY A 106 -4.65 -20.26 0.31
C GLY A 106 -3.87 -18.99 0.14
N THR A 107 -2.93 -19.04 -0.80
CA THR A 107 -2.03 -17.94 -1.12
C THR A 107 -2.07 -17.71 -2.61
N VAL A 108 -2.16 -16.44 -2.99
CA VAL A 108 -2.13 -16.04 -4.39
C VAL A 108 -0.71 -15.65 -4.74
N PHE A 109 -0.09 -16.37 -5.67
CA PHE A 109 1.29 -16.08 -6.08
C PHE A 109 1.25 -15.24 -7.33
N ARG A 110 1.86 -14.06 -7.25
CA ARG A 110 1.90 -13.12 -8.35
C ARG A 110 3.31 -12.75 -8.75
N GLU A 111 3.58 -12.78 -10.05
CA GLU A 111 4.89 -12.45 -10.55
C GLU A 111 4.84 -11.92 -11.97
N PRO A 112 5.84 -11.10 -12.36
CA PRO A 112 5.82 -10.54 -13.72
C PRO A 112 6.10 -11.56 -14.81
N ILE A 113 5.58 -11.30 -16.03
CA ILE A 113 5.84 -12.08 -17.25
C ILE A 113 6.89 -11.22 -17.95
N ILE A 114 8.16 -11.63 -17.87
CA ILE A 114 9.29 -10.86 -18.41
C ILE A 114 9.46 -11.02 -19.93
N CYS A 115 9.62 -9.88 -20.62
CA CYS A 115 9.91 -9.76 -22.05
C CYS A 115 11.17 -8.90 -22.12
N LYS A 116 12.27 -9.48 -22.66
CA LYS A 116 13.61 -8.89 -22.79
C LYS A 116 13.65 -7.48 -23.41
N ASN A 117 12.73 -7.18 -24.34
CA ASN A 117 12.68 -5.91 -25.06
C ASN A 117 11.90 -4.79 -24.37
N ILE A 118 11.09 -5.15 -23.35
CA ILE A 118 10.28 -4.18 -22.62
C ILE A 118 11.10 -3.50 -21.52
N PRO A 119 11.29 -2.17 -21.61
CA PRO A 119 12.03 -1.46 -20.56
C PRO A 119 11.17 -1.32 -19.30
N ARG A 120 11.81 -1.44 -18.13
CA ARG A 120 11.16 -1.34 -16.83
CA ARG A 120 11.17 -1.35 -16.82
C ARG A 120 11.03 0.12 -16.40
N LEU A 121 9.95 0.45 -15.65
CA LEU A 121 9.77 1.80 -15.12
C LEU A 121 10.69 1.96 -13.89
N VAL A 122 11.17 0.81 -13.36
CA VAL A 122 12.07 0.71 -12.21
C VAL A 122 13.30 -0.06 -12.73
N PRO A 123 14.27 0.64 -13.39
CA PRO A 123 15.43 -0.06 -13.96
C PRO A 123 16.25 -0.94 -13.01
N GLY A 124 16.26 -0.59 -11.73
CA GLY A 124 16.98 -1.36 -10.73
C GLY A 124 16.55 -2.80 -10.56
N TRP A 125 15.28 -3.13 -10.90
CA TRP A 125 14.77 -4.50 -10.74
C TRP A 125 15.29 -5.48 -11.80
N THR A 126 16.54 -5.95 -11.65
CA THR A 126 17.17 -6.88 -12.61
C THR A 126 16.60 -8.29 -12.60
N LYS A 127 16.13 -8.76 -11.42
CA LYS A 127 15.55 -10.09 -11.24
C LYS A 127 14.09 -9.96 -10.86
N PRO A 128 13.23 -10.94 -11.26
CA PRO A 128 11.81 -10.87 -10.87
C PRO A 128 11.61 -10.96 -9.35
N ILE A 129 10.43 -10.56 -8.90
CA ILE A 129 10.03 -10.65 -7.49
C ILE A 129 8.72 -11.41 -7.50
N THR A 130 8.52 -12.28 -6.52
CA THR A 130 7.26 -12.97 -6.40
C THR A 130 6.56 -12.48 -5.14
N ILE A 131 5.29 -12.11 -5.26
CA ILE A 131 4.45 -11.75 -4.12
C ILE A 131 3.59 -12.97 -3.79
N GLY A 132 3.59 -13.33 -2.52
CA GLY A 132 2.72 -14.34 -1.93
C GLY A 132 1.67 -13.56 -1.18
N LYS A 133 0.48 -13.45 -1.76
CA LYS A 133 -0.60 -12.67 -1.17
C LYS A 133 -1.56 -13.58 -0.37
N HIS A 134 -1.80 -13.25 0.92
CA HIS A 134 -2.74 -14.02 1.73
C HIS A 134 -4.17 -13.85 1.12
N ALA A 135 -4.76 -14.95 0.63
CA ALA A 135 -6.07 -14.91 -0.04
C ALA A 135 -7.28 -14.89 0.90
N HIS A 136 -7.10 -14.93 2.21
CA HIS A 136 -8.24 -15.02 3.13
C HIS A 136 -8.43 -13.85 4.09
N GLY A 137 -9.69 -13.63 4.45
CA GLY A 137 -10.13 -12.67 5.46
C GLY A 137 -9.81 -11.23 5.17
N ASP A 138 -9.56 -10.46 6.24
CA ASP A 138 -9.28 -9.02 6.25
C ASP A 138 -10.40 -8.24 5.55
N GLN A 139 -10.05 -7.25 4.73
CA GLN A 139 -11.01 -6.39 4.04
C GLN A 139 -12.03 -7.16 3.20
N TYR A 140 -11.62 -8.29 2.58
CA TYR A 140 -12.47 -9.12 1.73
C TYR A 140 -13.61 -9.86 2.49
N LYS A 141 -13.50 -9.98 3.80
CA LYS A 141 -14.56 -10.60 4.63
C LYS A 141 -15.00 -9.63 5.74
N ALA A 142 -14.79 -8.33 5.55
CA ALA A 142 -15.15 -7.33 6.55
C ALA A 142 -16.65 -7.01 6.60
N THR A 143 -17.11 -6.46 7.73
CA THR A 143 -18.48 -5.97 7.85
C THR A 143 -18.35 -4.47 8.13
N ASP A 144 -18.81 -3.66 7.20
CA ASP A 144 -18.70 -2.22 7.32
C ASP A 144 -20.06 -1.57 7.23
N PHE A 145 -20.23 -0.41 7.87
CA PHE A 145 -21.50 0.31 7.88
C PHE A 145 -21.30 1.82 7.93
N VAL A 146 -22.35 2.55 7.55
CA VAL A 146 -22.43 4.01 7.68
C VAL A 146 -23.23 4.24 8.97
N ALA A 147 -22.64 4.97 9.93
CA ALA A 147 -23.32 5.35 11.17
C ALA A 147 -23.94 6.71 10.82
N ASP A 148 -25.29 6.78 10.67
CA ASP A 148 -25.95 8.01 10.25
C ASP A 148 -26.38 8.93 11.43
N ARG A 149 -25.84 8.69 12.65
CA ARG A 149 -26.13 9.46 13.86
C ARG A 149 -25.17 9.13 14.99
N ALA A 150 -25.30 9.89 16.10
CA ALA A 150 -24.54 9.67 17.33
C ALA A 150 -24.89 8.30 17.92
N GLY A 151 -23.90 7.67 18.54
CA GLY A 151 -24.09 6.34 19.11
C GLY A 151 -22.79 5.64 19.45
N THR A 152 -22.87 4.63 20.33
CA THR A 152 -21.70 3.87 20.76
C THR A 152 -21.48 2.68 19.83
N PHE A 153 -20.24 2.56 19.31
CA PHE A 153 -19.79 1.46 18.45
C PHE A 153 -18.97 0.55 19.35
N LYS A 154 -19.49 -0.66 19.58
CA LYS A 154 -18.86 -1.65 20.44
C LYS A 154 -18.56 -2.94 19.69
N MET A 155 -17.55 -3.67 20.19
CA MET A 155 -17.15 -5.01 19.73
C MET A 155 -17.33 -5.94 20.91
N VAL A 156 -17.84 -7.14 20.65
CA VAL A 156 -18.07 -8.12 21.70
C VAL A 156 -17.77 -9.53 21.18
N PHE A 157 -16.87 -10.24 21.88
CA PHE A 157 -16.46 -11.60 21.61
C PHE A 157 -17.02 -12.51 22.71
N THR A 158 -17.98 -13.37 22.35
CA THR A 158 -18.63 -14.31 23.27
C THR A 158 -18.12 -15.73 22.99
N PRO A 159 -17.21 -16.27 23.85
CA PRO A 159 -16.66 -17.61 23.60
C PRO A 159 -17.65 -18.77 23.70
N LYS A 160 -17.43 -19.80 22.85
CA LYS A 160 -18.21 -21.04 22.78
C LYS A 160 -18.10 -21.82 24.11
N ASP A 161 -16.95 -21.68 24.82
CA ASP A 161 -16.67 -22.34 26.10
C ASP A 161 -17.34 -21.65 27.29
N GLY A 162 -18.12 -20.61 27.04
CA GLY A 162 -18.84 -19.84 28.04
C GLY A 162 -17.99 -19.13 29.09
N SER A 163 -16.73 -18.81 28.76
CA SER A 163 -15.87 -18.08 29.70
C SER A 163 -16.22 -16.57 29.62
N GLY A 164 -15.45 -15.74 30.32
CA GLY A 164 -15.66 -14.31 30.37
C GLY A 164 -15.87 -13.63 29.02
N VAL A 165 -17.03 -12.96 28.87
CA VAL A 165 -17.41 -12.21 27.67
C VAL A 165 -16.54 -10.95 27.60
N LYS A 166 -15.91 -10.72 26.44
CA LYS A 166 -15.06 -9.55 26.22
C LYS A 166 -15.86 -8.46 25.50
N GLU A 167 -15.60 -7.21 25.87
CA GLU A 167 -16.29 -6.05 25.29
C GLU A 167 -15.35 -4.88 25.12
N TRP A 168 -15.40 -4.26 23.94
CA TRP A 168 -14.55 -3.13 23.60
C TRP A 168 -15.39 -2.00 23.06
N GLU A 169 -15.22 -0.79 23.61
CA GLU A 169 -15.88 0.39 23.06
C GLU A 169 -14.91 0.89 21.97
N VAL A 170 -15.32 0.76 20.70
CA VAL A 170 -14.51 1.18 19.55
C VAL A 170 -14.59 2.70 19.48
N TYR A 171 -15.80 3.24 19.39
CA TYR A 171 -15.99 4.68 19.30
C TYR A 171 -17.37 5.15 19.74
N ASN A 172 -17.41 6.30 20.41
CA ASN A 172 -18.68 6.94 20.74
C ASN A 172 -18.84 8.05 19.69
N PHE A 173 -19.59 7.75 18.62
CA PHE A 173 -19.83 8.66 17.49
C PHE A 173 -20.52 9.96 17.93
N PRO A 174 -19.87 11.15 17.80
CA PRO A 174 -20.57 12.41 18.15
C PRO A 174 -21.59 12.79 17.08
N ALA A 175 -21.39 12.32 15.84
CA ALA A 175 -22.25 12.55 14.67
C ALA A 175 -22.02 11.42 13.64
N GLY A 176 -22.31 11.69 12.36
CA GLY A 176 -22.17 10.74 11.26
C GLY A 176 -20.76 10.22 11.06
N GLY A 177 -20.67 9.01 10.50
CA GLY A 177 -19.37 8.39 10.26
C GLY A 177 -19.44 7.00 9.67
N VAL A 178 -18.34 6.25 9.84
CA VAL A 178 -18.18 4.91 9.29
C VAL A 178 -17.52 4.01 10.28
N GLY A 179 -17.88 2.74 10.22
CA GLY A 179 -17.32 1.73 11.09
C GLY A 179 -17.18 0.43 10.34
N MET A 180 -16.23 -0.39 10.77
CA MET A 180 -16.02 -1.69 10.16
C MET A 180 -15.33 -2.63 11.09
N GLY A 181 -15.58 -3.91 10.87
CA GLY A 181 -14.95 -4.99 11.61
C GLY A 181 -14.42 -6.02 10.65
N MET A 182 -13.29 -6.64 11.01
CA MET A 182 -12.70 -7.68 10.16
C MET A 182 -11.95 -8.68 10.99
N TYR A 183 -11.63 -9.83 10.38
CA TYR A 183 -10.97 -10.93 11.08
C TYR A 183 -10.05 -11.74 10.16
N ASN A 184 -9.19 -12.54 10.80
CA ASN A 184 -8.36 -13.56 10.19
C ASN A 184 -8.20 -14.71 11.17
N THR A 185 -7.92 -15.92 10.67
CA THR A 185 -7.80 -17.09 11.53
C THR A 185 -6.35 -17.59 11.65
N ASP A 186 -6.02 -18.20 12.80
CA ASP A 186 -4.70 -18.76 13.04
C ASP A 186 -4.34 -19.82 12.01
N GLU A 187 -5.33 -20.65 11.62
CA GLU A 187 -5.19 -21.71 10.64
C GLU A 187 -4.93 -21.16 9.21
N SER A 188 -5.58 -20.05 8.82
CA SER A 188 -5.38 -19.44 7.50
C SER A 188 -3.99 -18.77 7.42
N ILE A 189 -3.59 -18.03 8.47
CA ILE A 189 -2.27 -17.41 8.59
C ILE A 189 -1.17 -18.49 8.53
N SER A 190 -1.38 -19.63 9.24
CA SER A 190 -0.47 -20.78 9.25
C SER A 190 -0.25 -21.37 7.87
N GLY A 191 -1.33 -21.63 7.13
CA GLY A 191 -1.30 -22.16 5.76
C GLY A 191 -0.58 -21.21 4.83
N PHE A 192 -0.86 -19.89 4.98
CA PHE A 192 -0.22 -18.81 4.24
C PHE A 192 1.29 -18.80 4.50
N ALA A 193 1.71 -18.87 5.79
CA ALA A 193 3.10 -18.93 6.20
C ALA A 193 3.84 -20.14 5.59
N HIS A 194 3.29 -21.37 5.78
CA HIS A 194 3.85 -22.60 5.23
C HIS A 194 4.10 -22.51 3.73
N SER A 195 3.09 -22.03 2.96
CA SER A 195 3.16 -21.86 1.50
C SER A 195 4.27 -20.93 1.05
N CYS A 196 4.50 -19.84 1.80
CA CYS A 196 5.55 -18.87 1.48
C CYS A 196 6.93 -19.43 1.78
N PHE A 197 7.08 -20.15 2.91
CA PHE A 197 8.37 -20.77 3.25
C PHE A 197 8.70 -21.86 2.24
N GLN A 198 7.69 -22.68 1.87
CA GLN A 198 7.87 -23.75 0.89
C GLN A 198 8.24 -23.19 -0.49
N TYR A 199 7.57 -22.10 -0.94
CA TYR A 199 7.89 -21.49 -2.23
C TYR A 199 9.31 -20.88 -2.22
N ALA A 200 9.68 -20.16 -1.14
CA ALA A 200 11.00 -19.54 -0.98
C ALA A 200 12.14 -20.58 -1.05
N ILE A 201 11.94 -21.76 -0.41
CA ILE A 201 12.90 -22.88 -0.45
C ILE A 201 13.06 -23.36 -1.89
N GLN A 202 11.92 -23.66 -2.57
CA GLN A 202 11.83 -24.13 -3.95
C GLN A 202 12.57 -23.18 -4.93
N LYS A 203 12.42 -21.86 -4.73
CA LYS A 203 13.05 -20.82 -5.55
C LYS A 203 14.50 -20.54 -5.16
N LYS A 204 14.89 -20.95 -3.93
CA LYS A 204 16.21 -20.68 -3.32
C LYS A 204 16.36 -19.15 -3.21
N TRP A 205 15.27 -18.53 -2.73
CA TRP A 205 15.16 -17.09 -2.57
C TRP A 205 14.84 -16.73 -1.13
N PRO A 206 15.37 -15.60 -0.62
CA PRO A 206 14.97 -15.18 0.73
C PRO A 206 13.51 -14.76 0.77
N LEU A 207 12.90 -14.78 1.95
CA LEU A 207 11.50 -14.44 2.15
C LEU A 207 11.34 -13.25 3.09
N TYR A 208 10.52 -12.27 2.69
CA TYR A 208 10.22 -11.11 3.52
C TYR A 208 8.74 -11.06 3.74
N MET A 209 8.32 -10.77 4.98
CA MET A 209 6.91 -10.65 5.33
C MET A 209 6.75 -9.26 5.92
N SER A 210 5.75 -8.52 5.43
CA SER A 210 5.51 -7.16 5.88
C SER A 210 4.17 -7.05 6.62
N THR A 211 4.11 -6.23 7.69
CA THR A 211 2.90 -5.89 8.44
C THR A 211 3.08 -4.47 8.98
N LYS A 212 2.08 -4.00 9.74
CA LYS A 212 2.15 -2.75 10.49
C LYS A 212 1.78 -3.11 11.96
N ASN A 213 2.50 -4.12 12.53
CA ASN A 213 2.29 -4.63 13.91
C ASN A 213 2.54 -3.60 15.00
N THR A 214 3.26 -2.51 14.69
CA THR A 214 3.50 -1.43 15.66
C THR A 214 2.19 -0.70 15.91
N ILE A 215 1.29 -0.69 14.91
CA ILE A 215 -0.03 -0.06 15.00
C ILE A 215 -1.08 -1.09 15.39
N LEU A 216 -1.29 -2.15 14.56
CA LEU A 216 -2.24 -3.21 14.90
C LEU A 216 -1.46 -4.29 15.66
N LYS A 217 -1.10 -3.98 16.94
CA LYS A 217 -0.25 -4.83 17.81
C LYS A 217 -0.72 -6.26 17.97
N ALA A 218 -2.01 -6.47 18.07
CA ALA A 218 -2.56 -7.80 18.26
C ALA A 218 -2.87 -8.47 16.92
N TYR A 219 -3.57 -7.74 16.02
CA TYR A 219 -4.01 -8.25 14.71
C TYR A 219 -2.79 -8.57 13.82
N ASP A 220 -1.91 -7.59 13.58
CA ASP A 220 -0.72 -7.81 12.75
C ASP A 220 0.39 -8.55 13.48
N GLY A 221 0.48 -8.39 14.80
CA GLY A 221 1.45 -9.08 15.64
C GLY A 221 1.31 -10.60 15.56
N ARG A 222 0.07 -11.09 15.36
CA ARG A 222 -0.23 -12.51 15.21
C ARG A 222 0.38 -13.05 13.92
N PHE A 223 0.38 -12.23 12.84
CA PHE A 223 1.02 -12.60 11.57
C PHE A 223 2.50 -12.75 11.79
N LYS A 224 3.13 -11.74 12.43
CA LYS A 224 4.56 -11.71 12.78
C LYS A 224 4.91 -12.95 13.64
N ASP A 225 4.12 -13.21 14.71
CA ASP A 225 4.30 -14.35 15.62
C ASP A 225 4.14 -15.70 14.94
N ILE A 226 3.07 -15.89 14.16
CA ILE A 226 2.82 -17.17 13.48
C ILE A 226 3.93 -17.49 12.48
N PHE A 227 4.36 -16.49 11.66
CA PHE A 227 5.44 -16.66 10.69
C PHE A 227 6.77 -16.98 11.42
N GLN A 228 7.09 -16.26 12.52
CA GLN A 228 8.32 -16.51 13.29
C GLN A 228 8.36 -17.91 13.91
N GLU A 229 7.23 -18.35 14.50
CA GLU A 229 7.07 -19.66 15.13
C GLU A 229 7.33 -20.78 14.13
N ILE A 230 6.61 -20.74 12.98
CA ILE A 230 6.68 -21.73 11.90
C ILE A 230 8.08 -21.79 11.27
N PHE A 231 8.75 -20.64 11.14
CA PHE A 231 10.10 -20.59 10.58
C PHE A 231 11.07 -21.31 11.54
N ASP A 232 11.03 -20.95 12.83
CA ASP A 232 11.88 -21.50 13.88
C ASP A 232 11.71 -23.01 14.09
N LYS A 233 10.51 -23.54 13.86
CA LYS A 233 10.17 -24.95 14.04
C LYS A 233 10.41 -25.82 12.79
N HIS A 234 10.02 -25.33 11.60
CA HIS A 234 10.06 -26.14 10.38
C HIS A 234 11.02 -25.75 9.26
N TYR A 235 11.40 -24.46 9.14
CA TYR A 235 12.16 -24.04 7.97
C TYR A 235 13.54 -23.40 8.21
N LYS A 236 13.87 -23.02 9.47
CA LYS A 236 15.15 -22.41 9.83
C LYS A 236 16.38 -23.14 9.27
N THR A 237 16.45 -24.48 9.47
CA THR A 237 17.56 -25.34 9.00
C THR A 237 17.61 -25.39 7.47
N ASP A 238 16.45 -25.60 6.81
CA ASP A 238 16.35 -25.63 5.35
C ASP A 238 16.75 -24.29 4.72
N PHE A 239 16.39 -23.17 5.38
CA PHE A 239 16.77 -21.83 4.92
C PHE A 239 18.29 -21.63 5.02
N ASP A 240 18.91 -22.14 6.12
CA ASP A 240 20.35 -22.09 6.36
C ASP A 240 21.13 -22.92 5.31
N LYS A 241 20.63 -24.12 4.98
CA LYS A 241 21.21 -25.04 3.98
C LYS A 241 21.23 -24.44 2.58
N ASN A 242 20.17 -23.67 2.23
CA ASN A 242 20.02 -23.07 0.90
C ASN A 242 20.61 -21.65 0.82
N LYS A 243 21.27 -21.20 1.91
CA LYS A 243 21.89 -19.87 2.07
C LYS A 243 20.87 -18.73 1.88
N ILE A 244 19.64 -18.94 2.38
CA ILE A 244 18.55 -17.97 2.31
C ILE A 244 18.13 -17.56 3.71
N TRP A 245 17.27 -16.56 3.82
CA TRP A 245 16.85 -16.03 5.12
C TRP A 245 15.41 -15.52 5.13
N TYR A 246 14.82 -15.46 6.33
CA TYR A 246 13.49 -14.93 6.57
C TYR A 246 13.61 -13.69 7.44
N GLU A 247 12.87 -12.64 7.09
CA GLU A 247 12.84 -11.37 7.82
C GLU A 247 11.46 -10.73 7.75
N HIS A 248 11.01 -10.18 8.87
CA HIS A 248 9.78 -9.44 8.96
C HIS A 248 10.18 -7.96 8.92
N ARG A 249 9.46 -7.13 8.14
CA ARG A 249 9.73 -5.70 8.06
C ARG A 249 8.41 -4.97 8.16
N LEU A 250 8.43 -3.73 8.65
CA LEU A 250 7.22 -2.91 8.65
C LEU A 250 6.91 -2.55 7.19
N ILE A 251 5.63 -2.53 6.81
CA ILE A 251 5.19 -2.28 5.42
C ILE A 251 5.81 -1.00 4.81
N ASP A 252 5.88 0.12 5.57
CA ASP A 252 6.40 1.41 5.11
C ASP A 252 7.84 1.31 4.72
N ASP A 253 8.60 0.52 5.49
CA ASP A 253 10.00 0.25 5.23
C ASP A 253 10.15 -0.71 4.05
N MET A 254 9.43 -1.84 4.08
CA MET A 254 9.46 -2.87 3.06
C MET A 254 9.26 -2.34 1.64
N VAL A 255 8.23 -1.50 1.42
CA VAL A 255 7.91 -0.96 0.09
C VAL A 255 9.08 -0.15 -0.48
N ALA A 256 9.77 0.65 0.35
CA ALA A 256 10.94 1.43 -0.04
C ALA A 256 12.11 0.48 -0.30
N GLN A 257 12.27 -0.54 0.57
CA GLN A 257 13.30 -1.57 0.42
C GLN A 257 13.14 -2.27 -0.93
N VAL A 258 11.90 -2.62 -1.32
CA VAL A 258 11.60 -3.28 -2.60
C VAL A 258 12.01 -2.39 -3.78
N LEU A 259 11.60 -1.11 -3.75
CA LEU A 259 11.85 -0.16 -4.83
C LEU A 259 13.33 0.08 -5.10
N LYS A 260 14.13 0.04 -4.03
CA LYS A 260 15.58 0.22 -3.97
C LYS A 260 16.31 -1.09 -4.33
N SER A 261 15.60 -2.21 -4.35
CA SER A 261 16.23 -3.52 -4.58
C SER A 261 16.50 -3.86 -6.04
N SER A 262 17.14 -5.02 -6.23
CA SER A 262 17.42 -5.58 -7.56
C SER A 262 16.57 -6.84 -7.80
N GLY A 263 15.52 -7.04 -6.97
CA GLY A 263 14.62 -8.17 -7.08
C GLY A 263 15.22 -9.45 -6.52
N GLY A 264 14.68 -10.59 -6.94
CA GLY A 264 15.17 -11.90 -6.52
C GLY A 264 14.80 -12.33 -5.12
N PHE A 265 13.52 -12.14 -4.76
CA PHE A 265 13.05 -12.52 -3.43
C PHE A 265 11.57 -12.76 -3.43
N VAL A 266 11.08 -13.50 -2.41
CA VAL A 266 9.66 -13.77 -2.19
C VAL A 266 9.17 -12.75 -1.16
N TRP A 267 7.98 -12.17 -1.42
CA TRP A 267 7.40 -11.17 -0.55
C TRP A 267 6.01 -11.59 -0.11
N ALA A 268 5.90 -11.99 1.17
CA ALA A 268 4.65 -12.39 1.79
C ALA A 268 3.91 -11.13 2.19
N CYS A 269 2.77 -10.90 1.54
CA CYS A 269 1.91 -9.73 1.76
C CYS A 269 0.60 -10.15 2.37
N LYS A 270 0.08 -9.32 3.29
CA LYS A 270 -1.27 -9.49 3.82
C LYS A 270 -2.22 -9.23 2.64
N ASN A 271 -3.45 -9.73 2.73
CA ASN A 271 -4.48 -9.66 1.71
C ASN A 271 -4.52 -8.37 0.88
N TYR A 272 -4.71 -7.23 1.55
CA TYR A 272 -4.82 -5.90 0.95
C TYR A 272 -3.51 -5.44 0.31
N ASP A 273 -2.40 -5.55 1.06
CA ASP A 273 -1.06 -5.16 0.59
C ASP A 273 -0.69 -5.93 -0.65
N GLY A 274 -1.06 -7.21 -0.68
CA GLY A 274 -0.85 -8.11 -1.81
C GLY A 274 -1.45 -7.57 -3.08
N ASP A 275 -2.69 -7.03 -3.01
CA ASP A 275 -3.32 -6.43 -4.19
C ASP A 275 -2.61 -5.17 -4.61
N VAL A 276 -2.48 -4.21 -3.71
CA VAL A 276 -1.82 -2.95 -4.00
C VAL A 276 -0.39 -3.14 -4.55
N GLN A 277 0.48 -3.87 -3.82
CA GLN A 277 1.89 -4.04 -4.13
C GLN A 277 2.15 -4.89 -5.36
N SER A 278 1.27 -5.86 -5.68
CA SER A 278 1.45 -6.64 -6.90
C SER A 278 1.24 -5.77 -8.15
N ASP A 279 0.35 -4.75 -8.06
CA ASP A 279 0.11 -3.81 -9.17
C ASP A 279 1.29 -2.86 -9.34
N ILE A 280 1.97 -2.50 -8.23
CA ILE A 280 3.20 -1.71 -8.29
C ILE A 280 4.26 -2.57 -8.99
N LEU A 281 4.42 -3.85 -8.58
CA LEU A 281 5.38 -4.76 -9.21
C LEU A 281 5.10 -4.92 -10.71
N ALA A 282 3.83 -5.26 -11.07
CA ALA A 282 3.42 -5.47 -12.46
C ALA A 282 3.70 -4.26 -13.32
N GLN A 283 3.36 -3.05 -12.80
CA GLN A 283 3.63 -1.82 -13.54
C GLN A 283 5.12 -1.54 -13.66
N GLY A 284 5.85 -1.69 -12.54
CA GLY A 284 7.28 -1.45 -12.47
C GLY A 284 8.09 -2.31 -13.39
N PHE A 285 7.68 -3.57 -13.56
CA PHE A 285 8.37 -4.50 -14.45
C PHE A 285 8.00 -4.27 -15.92
N GLY A 286 6.80 -3.77 -16.17
CA GLY A 286 6.37 -3.50 -17.54
C GLY A 286 4.93 -3.08 -17.68
N SER A 287 4.00 -3.98 -17.34
CA SER A 287 2.58 -3.68 -17.49
C SER A 287 1.74 -4.60 -16.63
N LEU A 288 0.50 -4.19 -16.37
CA LEU A 288 -0.53 -4.99 -15.71
C LEU A 288 -0.88 -6.21 -16.58
N GLY A 289 -0.72 -6.07 -17.91
CA GLY A 289 -0.93 -7.16 -18.87
C GLY A 289 0.16 -8.22 -18.81
N LEU A 290 1.30 -7.90 -18.12
CA LEU A 290 2.48 -8.76 -17.95
C LEU A 290 2.72 -9.24 -16.49
N MET A 291 1.76 -9.98 -15.95
CA MET A 291 1.82 -10.55 -14.61
C MET A 291 0.88 -11.72 -14.51
N THR A 292 1.38 -12.86 -13.95
CA THR A 292 0.59 -14.05 -13.66
C THR A 292 0.05 -13.94 -12.23
N SER A 293 -1.05 -14.65 -11.95
CA SER A 293 -1.68 -14.69 -10.64
C SER A 293 -2.28 -16.07 -10.44
N VAL A 294 -1.79 -16.82 -9.43
CA VAL A 294 -2.29 -18.17 -9.17
C VAL A 294 -2.67 -18.35 -7.71
N LEU A 295 -3.90 -18.75 -7.43
CA LEU A 295 -4.31 -19.08 -6.08
C LEU A 295 -3.92 -20.55 -5.86
N VAL A 296 -3.06 -20.82 -4.87
CA VAL A 296 -2.63 -22.16 -4.53
C VAL A 296 -3.30 -22.49 -3.18
N CYS A 297 -4.24 -23.43 -3.19
CA CYS A 297 -5.02 -23.83 -2.02
C CYS A 297 -4.20 -24.63 -1.00
N PRO A 298 -4.60 -24.65 0.31
CA PRO A 298 -3.78 -25.35 1.30
C PRO A 298 -3.60 -26.86 1.10
N ASP A 299 -4.49 -27.50 0.31
CA ASP A 299 -4.46 -28.92 0.00
C ASP A 299 -3.31 -29.31 -0.94
N GLY A 300 -2.66 -28.32 -1.54
CA GLY A 300 -1.55 -28.50 -2.48
C GLY A 300 -1.94 -29.21 -3.76
N LYS A 301 -3.22 -29.09 -4.17
CA LYS A 301 -3.78 -29.73 -5.37
C LYS A 301 -4.67 -28.77 -6.18
N THR A 302 -5.55 -28.02 -5.50
CA THR A 302 -6.49 -27.09 -6.11
C THR A 302 -5.84 -25.75 -6.43
N ILE A 303 -6.05 -25.26 -7.66
CA ILE A 303 -5.57 -23.94 -8.10
C ILE A 303 -6.66 -23.17 -8.84
N GLU A 304 -6.51 -21.83 -8.85
CA GLU A 304 -7.33 -20.89 -9.62
C GLU A 304 -6.36 -19.88 -10.22
N ALA A 305 -6.21 -19.94 -11.54
CA ALA A 305 -5.34 -19.02 -12.28
C ALA A 305 -6.20 -17.88 -12.86
N GLU A 306 -5.63 -16.67 -12.87
CA GLU A 306 -6.29 -15.44 -13.29
C GLU A 306 -5.24 -14.41 -13.69
N ALA A 307 -5.70 -13.24 -14.13
CA ALA A 307 -4.87 -12.08 -14.40
C ALA A 307 -4.92 -11.27 -13.11
N ALA A 308 -3.90 -10.43 -12.85
CA ALA A 308 -3.91 -9.60 -11.62
C ALA A 308 -4.77 -8.33 -11.84
N HIS A 309 -4.88 -7.89 -13.12
CA HIS A 309 -5.67 -6.70 -13.46
C HIS A 309 -7.18 -6.97 -13.45
N GLY A 310 -7.96 -5.90 -13.67
CA GLY A 310 -9.40 -5.97 -13.69
C GLY A 310 -9.98 -6.14 -15.08
N THR A 311 -11.25 -5.79 -15.22
CA THR A 311 -12.02 -5.91 -16.47
C THR A 311 -11.60 -4.87 -17.50
N VAL A 312 -10.75 -3.92 -17.08
CA VAL A 312 -10.16 -2.78 -17.80
C VAL A 312 -11.31 -1.97 -18.50
N THR A 313 -12.23 -1.48 -17.63
CA THR A 313 -13.43 -0.67 -17.90
C THR A 313 -13.17 0.52 -18.83
N ARG A 314 -12.07 1.26 -18.59
CA ARG A 314 -11.68 2.43 -19.39
C ARG A 314 -11.47 2.11 -20.86
N HIS A 315 -10.88 0.93 -21.15
CA HIS A 315 -10.67 0.48 -22.53
C HIS A 315 -12.02 0.01 -23.11
N TYR A 316 -12.88 -0.61 -22.26
CA TYR A 316 -14.21 -1.06 -22.69
C TYR A 316 -15.12 0.11 -23.07
N ARG A 317 -14.98 1.27 -22.39
CA ARG A 317 -15.76 2.48 -22.67
C ARG A 317 -15.49 2.97 -24.09
N GLU A 318 -14.22 2.86 -24.55
CA GLU A 318 -13.83 3.22 -25.91
C GLU A 318 -14.49 2.27 -26.91
N HIS A 319 -14.49 0.96 -26.58
CA HIS A 319 -15.09 -0.11 -27.37
C HIS A 319 -16.59 0.13 -27.53
N GLN A 320 -17.27 0.52 -26.44
CA GLN A 320 -18.71 0.82 -26.40
C GLN A 320 -19.09 1.96 -27.38
N LYS A 321 -18.11 2.81 -27.73
CA LYS A 321 -18.25 3.94 -28.67
C LYS A 321 -17.92 3.52 -30.11
N GLY A 322 -17.53 2.25 -30.29
CA GLY A 322 -17.17 1.69 -31.59
C GLY A 322 -15.70 1.85 -31.93
N ARG A 323 -14.95 2.59 -31.10
CA ARG A 323 -13.51 2.89 -31.26
C ARG A 323 -12.63 1.64 -31.05
N PRO A 324 -11.44 1.56 -31.68
CA PRO A 324 -10.57 0.40 -31.41
C PRO A 324 -9.79 0.58 -30.10
N THR A 325 -9.37 -0.54 -29.50
CA THR A 325 -8.64 -0.52 -28.23
C THR A 325 -7.31 -1.25 -28.39
N SER A 326 -6.42 -1.11 -27.40
CA SER A 326 -5.13 -1.79 -27.35
C SER A 326 -4.91 -2.39 -25.95
N THR A 327 -5.74 -3.39 -25.63
CA THR A 327 -5.73 -4.10 -24.35
C THR A 327 -4.82 -5.32 -24.42
N ASN A 328 -3.86 -5.42 -23.47
CA ASN A 328 -2.92 -6.53 -23.40
C ASN A 328 -3.61 -7.81 -22.89
N PRO A 329 -3.63 -8.88 -23.74
CA PRO A 329 -4.30 -10.12 -23.35
C PRO A 329 -3.41 -11.21 -22.73
N ILE A 330 -2.07 -11.01 -22.72
CA ILE A 330 -1.06 -11.97 -22.27
C ILE A 330 -1.37 -12.54 -20.88
N ALA A 331 -1.74 -11.69 -19.90
CA ALA A 331 -2.08 -12.14 -18.55
C ALA A 331 -3.27 -13.09 -18.56
N SER A 332 -4.32 -12.76 -19.37
CA SER A 332 -5.51 -13.60 -19.55
C SER A 332 -5.15 -14.92 -20.25
N ILE A 333 -4.20 -14.87 -21.21
CA ILE A 333 -3.68 -16.05 -21.90
C ILE A 333 -2.97 -16.95 -20.86
N PHE A 334 -2.14 -16.34 -19.98
CA PHE A 334 -1.41 -17.09 -18.95
C PHE A 334 -2.32 -17.68 -17.91
N ALA A 335 -3.53 -17.12 -17.70
CA ALA A 335 -4.48 -17.73 -16.76
C ALA A 335 -4.88 -19.10 -17.34
N TRP A 336 -5.11 -19.17 -18.68
CA TRP A 336 -5.47 -20.40 -19.40
C TRP A 336 -4.32 -21.39 -19.39
N THR A 337 -3.12 -20.97 -19.83
CA THR A 337 -1.93 -21.82 -19.86
C THR A 337 -1.53 -22.38 -18.49
N ARG A 338 -1.60 -21.56 -17.41
CA ARG A 338 -1.25 -22.00 -16.07
C ARG A 338 -2.25 -23.02 -15.55
N GLY A 339 -3.53 -22.81 -15.88
CA GLY A 339 -4.59 -23.75 -15.56
C GLY A 339 -4.43 -25.05 -16.33
N LEU A 340 -3.92 -24.97 -17.58
CA LEU A 340 -3.68 -26.14 -18.44
C LEU A 340 -2.44 -26.94 -18.00
N GLU A 341 -1.36 -26.23 -17.62
CA GLU A 341 -0.11 -26.82 -17.11
C GLU A 341 -0.42 -27.64 -15.86
N HIS A 342 -1.20 -27.06 -14.93
CA HIS A 342 -1.59 -27.73 -13.69
C HIS A 342 -2.50 -28.93 -13.94
N ARG A 343 -3.40 -28.82 -14.92
CA ARG A 343 -4.30 -29.92 -15.30
C ARG A 343 -3.44 -31.09 -15.80
N GLY A 344 -2.51 -30.78 -16.72
CA GLY A 344 -1.55 -31.70 -17.30
C GLY A 344 -0.60 -32.34 -16.31
N LYS A 345 -0.26 -31.60 -15.22
CA LYS A 345 0.63 -32.07 -14.15
C LYS A 345 -0.12 -33.12 -13.30
N LEU A 346 -1.39 -32.84 -12.93
CA LEU A 346 -2.24 -33.74 -12.14
C LEU A 346 -2.57 -35.03 -12.91
N ASP A 347 -2.93 -34.89 -14.20
CA ASP A 347 -3.30 -35.99 -15.09
C ASP A 347 -2.10 -36.77 -15.65
N GLY A 348 -0.89 -36.17 -15.56
CA GLY A 348 0.32 -36.75 -16.11
C GLY A 348 0.35 -36.66 -17.62
N ASN A 349 -0.40 -35.70 -18.16
CA ASN A 349 -0.55 -35.43 -19.59
C ASN A 349 0.56 -34.48 -20.03
N GLN A 350 1.68 -35.04 -20.51
CA GLN A 350 2.85 -34.29 -20.99
C GLN A 350 2.55 -33.40 -22.20
N ASP A 351 1.61 -33.83 -23.05
CA ASP A 351 1.20 -33.10 -24.25
C ASP A 351 0.54 -31.76 -23.91
N LEU A 352 -0.38 -31.76 -22.91
CA LEU A 352 -1.08 -30.58 -22.42
C LEU A 352 -0.12 -29.54 -21.83
N ILE A 353 0.87 -29.98 -21.01
CA ILE A 353 1.89 -29.11 -20.40
C ILE A 353 2.72 -28.45 -21.51
N ARG A 354 3.17 -29.25 -22.50
CA ARG A 354 3.97 -28.82 -23.64
C ARG A 354 3.26 -27.73 -24.46
N PHE A 355 1.94 -27.89 -24.70
CA PHE A 355 1.13 -26.90 -25.45
C PHE A 355 1.03 -25.60 -24.65
N ALA A 356 0.68 -25.71 -23.36
CA ALA A 356 0.55 -24.60 -22.42
C ALA A 356 1.85 -23.82 -22.31
N GLN A 357 3.01 -24.52 -22.29
CA GLN A 357 4.34 -23.91 -22.23
C GLN A 357 4.66 -23.18 -23.54
N MET A 358 4.18 -23.75 -24.65
CA MET A 358 4.39 -23.21 -26.00
C MET A 358 3.57 -21.95 -26.24
N LEU A 359 2.30 -21.90 -25.74
CA LEU A 359 1.45 -20.72 -25.90
C LEU A 359 2.02 -19.55 -25.09
N GLU A 360 2.62 -19.84 -23.91
CA GLU A 360 3.30 -18.86 -23.07
C GLU A 360 4.51 -18.31 -23.80
N LYS A 361 5.32 -19.21 -24.37
CA LYS A 361 6.51 -18.85 -25.15
C LYS A 361 6.15 -18.01 -26.37
N VAL A 362 5.01 -18.32 -27.09
CA VAL A 362 4.64 -17.51 -28.28
C VAL A 362 4.30 -16.07 -27.85
N CYS A 363 3.64 -15.89 -26.69
CA CYS A 363 3.29 -14.57 -26.13
C CYS A 363 4.50 -13.71 -25.98
N VAL A 364 5.52 -14.25 -25.30
CA VAL A 364 6.80 -13.60 -25.03
C VAL A 364 7.53 -13.33 -26.34
N GLU A 365 7.60 -14.33 -27.25
CA GLU A 365 8.26 -14.19 -28.55
C GLU A 365 7.64 -13.10 -29.43
N THR A 366 6.28 -13.00 -29.44
CA THR A 366 5.53 -11.99 -30.19
C THR A 366 5.90 -10.59 -29.72
N VAL A 367 6.01 -10.37 -28.39
CA VAL A 367 6.37 -9.07 -27.82
C VAL A 367 7.80 -8.72 -28.21
N GLU A 368 8.71 -9.69 -28.05
CA GLU A 368 10.13 -9.57 -28.38
C GLU A 368 10.37 -9.33 -29.88
N SER A 369 9.44 -9.79 -30.74
CA SER A 369 9.51 -9.58 -32.19
C SER A 369 9.06 -8.17 -32.61
N GLY A 370 8.70 -7.32 -31.63
CA GLY A 370 8.26 -5.95 -31.85
C GLY A 370 6.78 -5.77 -32.10
N ALA A 371 5.98 -6.83 -31.86
CA ALA A 371 4.53 -6.83 -32.04
C ALA A 371 3.89 -6.80 -30.65
N MET A 372 3.30 -5.66 -30.28
CA MET A 372 2.69 -5.46 -28.95
C MET A 372 1.52 -4.46 -28.94
N THR A 373 0.86 -4.37 -27.77
CA THR A 373 -0.23 -3.45 -27.47
C THR A 373 0.36 -2.11 -26.95
N LYS A 374 -0.47 -1.04 -26.90
CA LYS A 374 -0.09 0.32 -26.48
C LYS A 374 0.62 0.41 -25.12
N ASP A 375 0.19 -0.40 -24.13
CA ASP A 375 0.80 -0.43 -22.79
C ASP A 375 2.30 -0.75 -22.85
N LEU A 376 2.68 -1.69 -23.71
CA LEU A 376 4.08 -2.09 -23.89
C LEU A 376 4.88 -1.16 -24.80
N ALA A 377 4.21 -0.58 -25.83
CA ALA A 377 4.85 0.37 -26.76
C ALA A 377 5.24 1.62 -26.01
N GLY A 378 4.40 2.01 -25.04
CA GLY A 378 4.62 3.13 -24.13
C GLY A 378 5.85 2.93 -23.27
N CYS A 379 6.17 1.66 -22.92
CA CYS A 379 7.38 1.32 -22.14
C CYS A 379 8.63 1.64 -22.97
N ILE A 380 8.56 1.39 -24.30
CA ILE A 380 9.67 1.62 -25.23
C ILE A 380 9.83 3.11 -25.62
N HIS A 381 8.76 3.77 -26.12
CA HIS A 381 8.85 5.16 -26.61
C HIS A 381 7.99 6.22 -25.87
N GLY A 382 7.20 5.82 -24.86
CA GLY A 382 6.35 6.75 -24.12
C GLY A 382 4.89 6.71 -24.51
N PHE A 392 2.34 0.20 -32.21
CA PHE A 392 1.54 -0.79 -31.51
C PHE A 392 0.36 -1.33 -32.33
N LEU A 393 -0.22 -2.46 -31.89
CA LEU A 393 -1.36 -3.13 -32.51
C LEU A 393 -2.60 -2.99 -31.63
N ASN A 394 -3.79 -3.02 -32.25
CA ASN A 394 -5.06 -2.99 -31.53
C ASN A 394 -5.31 -4.39 -30.93
N THR A 395 -6.19 -4.46 -29.96
CA THR A 395 -6.51 -5.71 -29.31
C THR A 395 -6.69 -6.90 -30.25
N THR A 396 -7.62 -6.80 -31.19
CA THR A 396 -7.86 -7.89 -32.11
C THR A 396 -6.71 -8.23 -33.06
N ASP A 397 -5.96 -7.25 -33.52
CA ASP A 397 -4.84 -7.52 -34.39
C ASP A 397 -3.65 -8.13 -33.63
N PHE A 398 -3.43 -7.74 -32.37
CA PHE A 398 -2.37 -8.34 -31.56
C PHE A 398 -2.74 -9.80 -31.30
N LEU A 399 -4.03 -10.05 -30.96
CA LEU A 399 -4.57 -11.38 -30.72
C LEU A 399 -4.46 -12.26 -31.97
N ASP A 400 -4.66 -11.68 -33.18
CA ASP A 400 -4.54 -12.36 -34.48
C ASP A 400 -3.08 -12.76 -34.72
N THR A 401 -2.12 -11.90 -34.30
CA THR A 401 -0.68 -12.15 -34.40
C THR A 401 -0.30 -13.33 -33.46
N ILE A 402 -0.95 -13.41 -32.27
CA ILE A 402 -0.73 -14.52 -31.31
C ILE A 402 -1.20 -15.82 -31.97
N LYS A 403 -2.45 -15.82 -32.53
CA LYS A 403 -3.08 -16.94 -33.23
C LYS A 403 -2.24 -17.41 -34.42
N SER A 404 -1.67 -16.45 -35.18
CA SER A 404 -0.81 -16.72 -36.33
C SER A 404 0.48 -17.39 -35.87
N ASN A 405 1.19 -16.76 -34.90
CA ASN A 405 2.44 -17.29 -34.35
C ASN A 405 2.28 -18.64 -33.63
N LEU A 406 1.11 -18.91 -32.99
CA LEU A 406 0.85 -20.21 -32.34
C LEU A 406 0.66 -21.32 -33.40
N ASP A 407 -0.06 -21.01 -34.49
CA ASP A 407 -0.29 -21.95 -35.60
C ASP A 407 1.03 -22.24 -36.31
N ARG A 408 1.86 -21.19 -36.53
CA ARG A 408 3.19 -21.26 -37.14
C ARG A 408 4.14 -22.09 -36.24
N ALA A 409 4.06 -21.89 -34.90
CA ALA A 409 4.85 -22.63 -33.91
C ALA A 409 4.41 -24.10 -33.81
N LEU A 410 3.12 -24.39 -34.11
CA LEU A 410 2.60 -25.75 -34.15
C LEU A 410 2.97 -26.38 -35.53
N GLY A 411 4.27 -26.47 -35.79
CA GLY A 411 4.85 -27.00 -37.03
C GLY A 411 6.22 -26.44 -37.32
N ARG B 4 21.22 37.18 15.98
CA ARG B 4 20.25 36.17 16.34
C ARG B 4 18.84 36.68 16.17
N ILE B 5 18.08 35.99 15.33
CA ILE B 5 16.69 36.37 15.07
C ILE B 5 15.79 36.19 16.28
N LYS B 6 15.18 37.30 16.74
CA LYS B 6 14.25 37.27 17.88
C LYS B 6 12.90 36.72 17.40
N VAL B 7 12.30 35.82 18.19
CA VAL B 7 11.01 35.21 17.90
C VAL B 7 10.11 35.43 19.11
N ALA B 8 9.00 36.15 18.88
CA ALA B 8 8.02 36.55 19.89
C ALA B 8 7.27 35.39 20.53
N LYS B 9 6.69 34.50 19.70
CA LYS B 9 5.87 33.36 20.12
C LYS B 9 6.65 32.03 20.15
N PRO B 10 6.24 31.02 20.96
CA PRO B 10 7.00 29.76 21.00
C PRO B 10 6.60 28.70 19.98
N VAL B 11 7.46 27.68 19.84
CA VAL B 11 7.28 26.50 18.99
C VAL B 11 7.39 25.28 19.90
N VAL B 12 6.47 24.31 19.74
CA VAL B 12 6.50 23.08 20.50
C VAL B 12 7.54 22.17 19.86
N GLU B 13 8.47 21.65 20.65
CA GLU B 13 9.50 20.74 20.19
C GLU B 13 9.27 19.37 20.83
N MET B 14 9.03 18.36 19.98
CA MET B 14 8.79 16.98 20.41
C MET B 14 10.05 16.16 20.13
N ASP B 15 10.84 15.84 21.17
CA ASP B 15 12.08 15.06 21.06
C ASP B 15 11.73 13.59 20.79
N GLY B 16 12.66 12.85 20.22
CA GLY B 16 12.37 11.48 19.82
C GLY B 16 13.37 10.42 20.22
N ASP B 17 13.53 9.42 19.34
CA ASP B 17 14.35 8.25 19.62
C ASP B 17 15.48 7.97 18.65
N GLU B 18 16.36 7.07 19.08
CA GLU B 18 17.47 6.43 18.39
C GLU B 18 18.30 7.38 17.48
N MET B 19 18.48 7.02 16.19
CA MET B 19 19.30 7.81 15.27
C MET B 19 18.79 9.23 15.08
N THR B 20 17.46 9.40 14.97
CA THR B 20 16.84 10.72 14.80
C THR B 20 17.06 11.63 16.03
N ARG B 21 17.14 11.06 17.26
CA ARG B 21 17.35 11.84 18.50
C ARG B 21 18.74 12.51 18.48
N ILE B 22 19.77 11.78 18.02
CA ILE B 22 21.17 12.22 17.86
C ILE B 22 21.25 13.37 16.83
N ILE B 23 20.62 13.17 15.66
CA ILE B 23 20.54 14.15 14.57
C ILE B 23 19.83 15.43 15.05
N TRP B 24 18.67 15.25 15.72
CA TRP B 24 17.79 16.28 16.28
C TRP B 24 18.53 17.21 17.26
N GLN B 25 19.41 16.62 18.09
CA GLN B 25 20.20 17.36 19.07
C GLN B 25 21.17 18.29 18.35
N PHE B 26 21.86 17.80 17.29
CA PHE B 26 22.77 18.61 16.48
C PHE B 26 22.01 19.76 15.81
N ILE B 27 20.86 19.46 15.14
CA ILE B 27 20.05 20.46 14.45
C ILE B 27 19.71 21.62 15.39
N LYS B 28 19.08 21.33 16.53
CA LYS B 28 18.66 22.31 17.52
C LYS B 28 19.84 23.12 18.09
N GLU B 29 20.88 22.43 18.57
CA GLU B 29 22.05 23.04 19.22
C GLU B 29 22.99 23.79 18.27
N LYS B 30 23.27 23.25 17.07
CA LYS B 30 24.25 23.82 16.13
C LYS B 30 23.67 24.53 14.87
N LEU B 31 22.38 24.33 14.53
CA LEU B 31 21.82 24.96 13.33
C LEU B 31 20.73 25.97 13.62
N ILE B 32 19.89 25.72 14.64
CA ILE B 32 18.75 26.59 14.97
C ILE B 32 19.06 27.62 16.06
N LEU B 33 19.38 27.14 17.29
CA LEU B 33 19.63 27.99 18.46
C LEU B 33 20.80 28.99 18.28
N PRO B 34 21.95 28.70 17.60
CA PRO B 34 22.99 29.75 17.43
C PRO B 34 22.51 30.97 16.64
N HIS B 35 21.47 30.83 15.80
CA HIS B 35 20.95 31.89 14.93
C HIS B 35 19.52 32.34 15.24
N VAL B 36 18.81 31.67 16.16
CA VAL B 36 17.41 32.01 16.46
C VAL B 36 17.14 32.03 17.99
N ASP B 37 16.65 33.18 18.50
CA ASP B 37 16.26 33.33 19.91
C ASP B 37 14.77 33.02 19.95
N ILE B 38 14.47 31.72 20.17
CA ILE B 38 13.12 31.19 20.23
C ILE B 38 12.87 30.43 21.52
N GLN B 39 11.66 30.58 22.08
CA GLN B 39 11.20 29.84 23.25
C GLN B 39 10.76 28.47 22.69
N LEU B 40 11.32 27.37 23.20
CA LEU B 40 10.94 26.05 22.75
C LEU B 40 10.22 25.30 23.84
N LYS B 41 8.91 25.02 23.64
CA LYS B 41 8.09 24.26 24.59
C LYS B 41 8.48 22.80 24.41
N TYR B 42 9.51 22.38 25.17
CA TYR B 42 10.13 21.07 25.09
C TYR B 42 9.30 19.95 25.69
N PHE B 43 9.21 18.84 24.93
CA PHE B 43 8.53 17.62 25.34
C PHE B 43 9.36 16.47 24.85
N ASP B 44 9.86 15.65 25.78
CA ASP B 44 10.65 14.49 25.41
C ASP B 44 9.69 13.35 25.11
N LEU B 45 9.45 13.09 23.81
CA LEU B 45 8.60 11.97 23.39
C LEU B 45 9.49 10.77 23.15
N GLY B 46 10.68 10.78 23.74
CA GLY B 46 11.61 9.66 23.70
C GLY B 46 10.95 8.52 24.46
N LEU B 47 11.01 7.30 23.90
CA LEU B 47 10.39 6.12 24.48
C LEU B 47 10.62 5.99 26.02
N PRO B 48 11.85 6.09 26.59
CA PRO B 48 11.99 5.98 28.07
C PRO B 48 11.10 6.95 28.84
N ASN B 49 10.99 8.22 28.37
CA ASN B 49 10.16 9.25 29.00
C ASN B 49 8.66 9.02 28.84
N ARG B 50 8.24 8.42 27.70
CA ARG B 50 6.83 8.12 27.47
C ARG B 50 6.36 7.06 28.46
N ASP B 51 7.19 6.04 28.67
CA ASP B 51 6.95 4.95 29.61
C ASP B 51 6.81 5.49 31.05
N GLN B 52 7.78 6.33 31.46
CA GLN B 52 7.86 6.96 32.78
C GLN B 52 6.61 7.81 33.09
N THR B 53 6.21 8.64 32.15
CA THR B 53 5.05 9.49 32.32
C THR B 53 3.76 8.81 31.94
N ASP B 54 3.82 7.50 31.68
CA ASP B 54 2.67 6.71 31.24
C ASP B 54 1.96 7.30 30.01
N ASP B 55 2.77 7.77 29.05
CA ASP B 55 2.35 8.40 27.81
C ASP B 55 1.56 9.70 27.93
N GLN B 56 1.70 10.42 29.04
CA GLN B 56 1.04 11.72 29.24
C GLN B 56 1.78 12.81 28.48
N VAL B 57 3.13 12.70 28.42
CA VAL B 57 4.00 13.64 27.70
C VAL B 57 3.52 13.83 26.24
N THR B 58 3.05 12.72 25.60
CA THR B 58 2.53 12.70 24.23
C THR B 58 1.26 13.52 24.12
N ILE B 59 0.27 13.23 24.98
CA ILE B 59 -1.01 13.95 25.06
C ILE B 59 -0.74 15.44 25.33
N ASP B 60 0.13 15.75 26.31
CA ASP B 60 0.51 17.12 26.69
C ASP B 60 1.08 17.91 25.50
N SER B 61 2.06 17.32 24.78
CA SER B 61 2.73 17.93 23.61
C SER B 61 1.73 18.33 22.53
N ALA B 62 0.69 17.48 22.30
CA ALA B 62 -0.36 17.71 21.32
C ALA B 62 -1.25 18.90 21.71
N LEU B 63 -1.59 19.02 23.01
CA LEU B 63 -2.40 20.11 23.58
C LEU B 63 -1.64 21.44 23.48
N ALA B 64 -0.31 21.39 23.68
CA ALA B 64 0.59 22.53 23.58
C ALA B 64 0.63 23.05 22.14
N THR B 65 0.62 22.12 21.13
CA THR B 65 0.62 22.43 19.70
C THR B 65 -0.66 23.17 19.34
N GLN B 66 -1.78 22.79 19.97
CA GLN B 66 -3.07 23.44 19.76
C GLN B 66 -3.04 24.88 20.31
N LYS B 67 -2.28 25.12 21.40
CA LYS B 67 -2.13 26.43 22.01
C LYS B 67 -1.17 27.34 21.22
N TYR B 68 0.06 26.85 20.92
CA TYR B 68 1.07 27.66 20.24
C TYR B 68 1.09 27.55 18.71
N SER B 69 0.18 26.75 18.10
CA SER B 69 -0.04 26.58 16.65
C SER B 69 1.10 25.90 15.85
N VAL B 70 2.29 25.69 16.44
CA VAL B 70 3.42 25.08 15.72
C VAL B 70 4.13 24.02 16.55
N ALA B 71 4.35 22.84 15.94
CA ALA B 71 5.12 21.73 16.52
C ALA B 71 6.13 21.21 15.53
N VAL B 72 7.33 20.90 16.03
CA VAL B 72 8.41 20.27 15.27
C VAL B 72 8.68 18.93 15.95
N LYS B 73 8.44 17.81 15.22
CA LYS B 73 8.55 16.49 15.82
C LYS B 73 9.65 15.62 15.23
N CYS B 74 10.39 14.99 16.16
CA CYS B 74 11.45 14.03 15.90
C CYS B 74 10.79 12.66 15.80
N ALA B 75 11.31 11.77 14.95
CA ALA B 75 10.77 10.42 14.82
C ALA B 75 10.86 9.65 16.16
N THR B 76 9.80 8.89 16.48
CA THR B 76 9.65 8.16 17.75
C THR B 76 9.39 6.67 17.52
N ILE B 77 9.80 5.84 18.50
CA ILE B 77 9.56 4.39 18.43
C ILE B 77 8.10 4.15 18.82
N THR B 78 7.38 3.33 18.03
CA THR B 78 6.04 2.85 18.37
C THR B 78 6.30 1.43 18.88
N PRO B 79 6.13 1.21 20.21
CA PRO B 79 6.51 -0.08 20.77
C PRO B 79 5.58 -1.25 20.47
N ASP B 80 6.21 -2.42 20.27
CA ASP B 80 5.57 -3.72 20.09
C ASP B 80 6.17 -4.63 21.20
N GLU B 81 5.99 -5.95 21.11
CA GLU B 81 6.50 -6.90 22.11
C GLU B 81 8.04 -6.84 22.25
N ALA B 82 8.76 -6.80 21.11
CA ALA B 82 10.22 -6.71 21.07
C ALA B 82 10.75 -5.44 21.75
N ARG B 83 10.00 -4.32 21.62
CA ARG B 83 10.38 -3.06 22.26
C ARG B 83 10.08 -3.11 23.77
N VAL B 84 9.01 -3.84 24.18
CA VAL B 84 8.65 -4.02 25.59
C VAL B 84 9.78 -4.77 26.28
N GLU B 85 10.32 -5.81 25.64
CA GLU B 85 11.46 -6.61 26.11
C GLU B 85 12.75 -5.76 26.23
N GLU B 86 13.08 -4.99 25.17
CA GLU B 86 14.27 -4.14 25.06
C GLU B 86 14.30 -2.99 26.07
N PHE B 87 13.23 -2.19 26.15
CA PHE B 87 13.13 -1.01 27.03
C PHE B 87 12.50 -1.32 28.40
N LYS B 88 11.97 -2.56 28.58
CA LYS B 88 11.29 -3.06 29.79
C LYS B 88 10.13 -2.11 30.17
N LEU B 89 9.19 -1.96 29.23
CA LEU B 89 8.04 -1.06 29.34
C LEU B 89 6.90 -1.63 30.15
N LYS B 90 6.09 -0.72 30.66
CA LYS B 90 4.90 -0.99 31.43
C LYS B 90 3.78 -1.57 30.58
N LYS B 91 3.74 -1.16 29.32
CA LYS B 91 2.82 -1.66 28.30
C LYS B 91 3.25 -1.23 26.89
N MET B 92 2.61 -1.82 25.85
CA MET B 92 2.87 -1.49 24.44
C MET B 92 2.12 -0.18 24.17
N TRP B 93 2.79 0.95 24.44
CA TRP B 93 2.20 2.28 24.25
C TRP B 93 1.79 2.49 22.80
N LYS B 94 0.71 3.26 22.59
CA LYS B 94 0.21 3.56 21.26
C LYS B 94 1.16 4.49 20.50
N SER B 95 1.01 4.59 19.16
CA SER B 95 1.85 5.45 18.35
C SER B 95 1.71 6.90 18.80
N PRO B 96 2.85 7.58 19.11
CA PRO B 96 2.76 9.00 19.46
C PRO B 96 2.20 9.81 18.31
N ASN B 97 2.48 9.40 17.05
CA ASN B 97 1.97 10.02 15.83
C ASN B 97 0.48 9.82 15.74
N GLY B 98 0.02 8.60 15.98
CA GLY B 98 -1.41 8.30 16.05
C GLY B 98 -2.12 9.17 17.06
N THR B 99 -1.54 9.29 18.28
CA THR B 99 -2.08 10.10 19.39
C THR B 99 -2.14 11.59 19.04
N ILE B 100 -0.99 12.18 18.62
CA ILE B 100 -0.89 13.60 18.25
C ILE B 100 -1.85 13.89 17.09
N ARG B 101 -1.79 13.06 16.02
CA ARG B 101 -2.62 13.21 14.83
C ARG B 101 -4.11 13.17 15.09
N ASN B 102 -4.56 12.33 16.03
CA ASN B 102 -5.99 12.20 16.31
C ASN B 102 -6.52 13.34 17.20
N ILE B 103 -5.66 13.94 18.05
CA ILE B 103 -6.02 15.08 18.89
C ILE B 103 -6.10 16.34 17.97
N LEU B 104 -5.05 16.57 17.16
CA LEU B 104 -4.98 17.73 16.25
C LEU B 104 -5.84 17.64 14.99
N GLY B 105 -5.91 16.45 14.39
CA GLY B 105 -6.65 16.18 13.15
C GLY B 105 -6.00 16.78 11.92
N GLY B 106 -6.64 16.59 10.77
CA GLY B 106 -6.17 17.17 9.52
C GLY B 106 -5.62 16.24 8.47
N THR B 107 -4.74 16.80 7.61
CA THR B 107 -4.11 16.12 6.49
C THR B 107 -2.60 16.28 6.59
N VAL B 108 -1.86 15.19 6.37
CA VAL B 108 -0.40 15.20 6.37
C VAL B 108 0.05 15.32 4.91
N PHE B 109 0.63 16.47 4.56
CA PHE B 109 1.10 16.72 3.20
C PHE B 109 2.53 16.30 3.08
N ARG B 110 2.77 15.37 2.16
CA ARG B 110 4.11 14.82 1.94
C ARG B 110 4.58 14.99 0.53
N GLU B 111 5.79 15.48 0.38
CA GLU B 111 6.41 15.69 -0.93
C GLU B 111 7.92 15.57 -0.90
N PRO B 112 8.55 15.18 -2.02
CA PRO B 112 10.00 15.04 -2.02
C PRO B 112 10.75 16.37 -1.94
N ILE B 113 11.99 16.33 -1.41
CA ILE B 113 12.91 17.47 -1.40
C ILE B 113 13.79 17.15 -2.63
N ILE B 114 13.65 17.92 -3.72
CA ILE B 114 14.34 17.61 -4.99
C ILE B 114 15.78 18.11 -5.04
N CYS B 115 16.71 17.22 -5.40
CA CYS B 115 18.13 17.51 -5.62
C CYS B 115 18.44 17.17 -7.06
N LYS B 116 18.93 18.18 -7.83
CA LYS B 116 19.25 18.10 -9.26
C LYS B 116 20.17 16.94 -9.65
N ASN B 117 21.18 16.64 -8.82
CA ASN B 117 22.18 15.60 -9.08
C ASN B 117 21.79 14.21 -8.54
N ILE B 118 20.59 14.07 -7.98
CA ILE B 118 20.19 12.78 -7.43
C ILE B 118 19.35 12.03 -8.45
N PRO B 119 19.84 10.85 -8.90
CA PRO B 119 19.05 10.07 -9.86
C PRO B 119 17.88 9.37 -9.16
N ARG B 120 16.72 9.41 -9.82
CA ARG B 120 15.49 8.79 -9.31
CA ARG B 120 15.48 8.79 -9.32
C ARG B 120 15.48 7.29 -9.59
N LEU B 121 14.80 6.51 -8.73
CA LEU B 121 14.71 5.06 -8.95
C LEU B 121 13.56 4.81 -9.91
N VAL B 122 12.72 5.85 -10.10
CA VAL B 122 11.60 5.88 -11.01
C VAL B 122 11.93 7.08 -11.95
N PRO B 123 12.76 6.85 -13.01
CA PRO B 123 13.17 7.97 -13.89
C PRO B 123 12.04 8.74 -14.56
N GLY B 124 10.88 8.12 -14.72
CA GLY B 124 9.71 8.75 -15.32
C GLY B 124 9.13 9.93 -14.55
N TRP B 125 9.37 9.98 -13.23
CA TRP B 125 8.88 11.05 -12.36
C TRP B 125 9.64 12.36 -12.56
N THR B 126 9.37 13.06 -13.67
CA THR B 126 10.07 14.32 -14.00
C THR B 126 9.58 15.52 -13.19
N LYS B 127 8.36 15.43 -12.61
CA LYS B 127 7.80 16.50 -11.76
C LYS B 127 7.47 15.92 -10.37
N PRO B 128 7.45 16.76 -9.30
CA PRO B 128 7.10 16.23 -7.97
C PRO B 128 5.64 15.81 -7.85
N ILE B 129 5.34 15.01 -6.82
CA ILE B 129 4.00 14.52 -6.48
C ILE B 129 3.81 14.80 -5.00
N THR B 130 2.66 15.36 -4.65
CA THR B 130 2.31 15.58 -3.26
C THR B 130 1.25 14.58 -2.85
N ILE B 131 1.43 13.93 -1.68
CA ILE B 131 0.41 13.06 -1.11
C ILE B 131 -0.28 13.84 -0.01
N GLY B 132 -1.59 13.84 -0.05
CA GLY B 132 -2.44 14.41 1.00
C GLY B 132 -2.96 13.23 1.80
N LYS B 133 -2.34 12.92 2.92
CA LYS B 133 -2.69 11.77 3.75
C LYS B 133 -3.70 12.10 4.86
N HIS B 134 -4.83 11.39 4.88
CA HIS B 134 -5.83 11.58 5.95
C HIS B 134 -5.16 11.20 7.28
N ALA B 135 -5.08 12.14 8.22
CA ALA B 135 -4.39 11.89 9.48
C ALA B 135 -5.26 11.34 10.61
N HIS B 136 -6.53 11.08 10.35
CA HIS B 136 -7.44 10.65 11.41
C HIS B 136 -8.09 9.27 11.18
N GLY B 137 -8.42 8.63 12.29
CA GLY B 137 -9.11 7.35 12.38
C GLY B 137 -8.40 6.17 11.76
N ASP B 138 -9.21 5.23 11.27
CA ASP B 138 -8.80 4.00 10.60
C ASP B 138 -7.93 3.15 11.52
N GLN B 139 -6.85 2.53 11.00
CA GLN B 139 -5.97 1.65 11.78
C GLN B 139 -5.30 2.31 13.00
N TYR B 140 -5.17 3.66 13.00
CA TYR B 140 -4.54 4.38 14.09
C TYR B 140 -5.42 4.50 15.35
N LYS B 141 -6.75 4.46 15.19
CA LYS B 141 -7.72 4.46 16.29
C LYS B 141 -8.46 3.12 16.38
N ALA B 142 -7.88 2.08 15.79
CA ALA B 142 -8.48 0.74 15.75
C ALA B 142 -8.44 0.01 17.08
N THR B 143 -9.42 -0.88 17.27
CA THR B 143 -9.45 -1.78 18.42
C THR B 143 -9.29 -3.20 17.89
N ASP B 144 -8.16 -3.82 18.21
CA ASP B 144 -7.85 -5.17 17.73
C ASP B 144 -7.56 -6.13 18.87
N PHE B 145 -7.77 -7.44 18.61
CA PHE B 145 -7.57 -8.48 19.62
C PHE B 145 -7.27 -9.81 18.99
N VAL B 146 -6.68 -10.69 19.81
CA VAL B 146 -6.42 -12.09 19.50
C VAL B 146 -7.59 -12.86 20.13
N ALA B 147 -8.31 -13.65 19.33
CA ALA B 147 -9.35 -14.55 19.79
C ALA B 147 -8.58 -15.85 20.04
N ASP B 148 -8.33 -16.20 21.30
CA ASP B 148 -7.55 -17.38 21.67
C ASP B 148 -8.38 -18.68 21.74
N ARG B 149 -9.69 -18.59 21.45
CA ARG B 149 -10.62 -19.71 21.49
C ARG B 149 -11.77 -19.48 20.55
N ALA B 150 -12.59 -20.53 20.33
CA ALA B 150 -13.78 -20.45 19.50
C ALA B 150 -14.75 -19.47 20.16
N GLY B 151 -15.55 -18.80 19.34
CA GLY B 151 -16.48 -17.81 19.83
C GLY B 151 -16.97 -16.89 18.74
N THR B 152 -18.00 -16.12 19.03
CA THR B 152 -18.59 -15.23 18.03
C THR B 152 -18.09 -13.81 18.21
N PHE B 153 -17.83 -13.16 17.08
CA PHE B 153 -17.37 -11.78 17.04
C PHE B 153 -18.47 -10.98 16.38
N LYS B 154 -19.04 -10.04 17.13
CA LYS B 154 -20.10 -9.20 16.62
C LYS B 154 -19.85 -7.72 16.92
N MET B 155 -20.48 -6.85 16.13
CA MET B 155 -20.39 -5.40 16.31
C MET B 155 -21.75 -4.90 16.76
N VAL B 156 -21.75 -4.02 17.76
CA VAL B 156 -22.94 -3.43 18.33
C VAL B 156 -22.90 -1.90 18.13
N PHE B 157 -23.89 -1.34 17.42
CA PHE B 157 -24.00 0.11 17.29
C PHE B 157 -25.25 0.56 18.05
N THR B 158 -25.05 1.19 19.22
CA THR B 158 -26.14 1.65 20.09
C THR B 158 -26.43 3.15 19.86
N PRO B 159 -27.47 3.51 19.04
CA PRO B 159 -27.76 4.94 18.82
C PRO B 159 -28.09 5.72 20.09
N LYS B 160 -27.51 6.93 20.20
CA LYS B 160 -27.67 7.85 21.34
C LYS B 160 -29.08 8.43 21.45
N ASP B 161 -29.84 8.48 20.33
CA ASP B 161 -31.23 8.98 20.28
C ASP B 161 -32.25 7.94 20.81
N GLY B 162 -31.77 6.74 21.14
CA GLY B 162 -32.58 5.65 21.66
C GLY B 162 -33.26 4.79 20.60
N SER B 163 -33.01 5.07 19.31
CA SER B 163 -33.58 4.33 18.17
C SER B 163 -32.99 2.89 18.06
N GLY B 164 -33.42 2.15 17.04
CA GLY B 164 -33.03 0.77 16.77
C GLY B 164 -31.55 0.43 16.92
N VAL B 165 -31.23 -0.38 17.95
CA VAL B 165 -29.88 -0.87 18.25
C VAL B 165 -29.52 -1.90 17.15
N LYS B 166 -28.37 -1.70 16.47
CA LYS B 166 -27.94 -2.58 15.37
C LYS B 166 -26.88 -3.60 15.77
N GLU B 167 -26.92 -4.77 15.10
CA GLU B 167 -25.98 -5.87 15.31
C GLU B 167 -25.57 -6.56 14.01
N TRP B 168 -24.27 -6.87 13.92
CA TRP B 168 -23.66 -7.58 12.80
C TRP B 168 -22.72 -8.62 13.36
N GLU B 169 -22.84 -9.88 12.93
CA GLU B 169 -21.91 -10.92 13.34
C GLU B 169 -20.78 -10.87 12.29
N VAL B 170 -19.58 -10.44 12.72
CA VAL B 170 -18.39 -10.36 11.86
C VAL B 170 -17.99 -11.77 11.48
N TYR B 171 -17.71 -12.61 12.49
CA TYR B 171 -17.30 -14.00 12.28
C TYR B 171 -17.60 -14.87 13.47
N ASN B 172 -17.79 -16.17 13.22
CA ASN B 172 -17.97 -17.21 14.22
C ASN B 172 -16.66 -18.00 14.16
N PHE B 173 -15.73 -17.71 15.09
CA PHE B 173 -14.41 -18.33 15.13
C PHE B 173 -14.51 -19.81 15.51
N PRO B 174 -14.09 -20.76 14.66
CA PRO B 174 -14.12 -22.18 15.09
C PRO B 174 -12.93 -22.54 15.99
N ALA B 175 -11.89 -21.68 15.97
CA ALA B 175 -10.67 -21.78 16.77
C ALA B 175 -10.02 -20.37 16.83
N GLY B 176 -8.74 -20.32 17.21
CA GLY B 176 -7.97 -19.09 17.34
C GLY B 176 -7.93 -18.20 16.11
N GLY B 177 -7.79 -16.90 16.35
CA GLY B 177 -7.74 -15.92 15.28
C GLY B 177 -7.54 -14.50 15.78
N VAL B 178 -7.84 -13.53 14.89
CA VAL B 178 -7.70 -12.10 15.18
C VAL B 178 -8.93 -11.37 14.72
N GLY B 179 -9.25 -10.31 15.42
CA GLY B 179 -10.39 -9.47 15.09
C GLY B 179 -10.05 -8.01 15.32
N MET B 180 -10.70 -7.13 14.58
CA MET B 180 -10.49 -5.71 14.77
C MET B 180 -11.69 -4.92 14.32
N GLY B 181 -11.85 -3.76 14.93
CA GLY B 181 -12.86 -2.79 14.57
C GLY B 181 -12.19 -1.45 14.41
N MET B 182 -12.68 -0.63 13.47
CA MET B 182 -12.13 0.71 13.28
C MET B 182 -13.21 1.66 12.79
N TYR B 183 -12.92 2.96 12.83
CA TYR B 183 -13.88 3.99 12.44
C TYR B 183 -13.23 5.20 11.81
N ASN B 184 -14.07 6.02 11.18
CA ASN B 184 -13.80 7.37 10.73
C ASN B 184 -15.08 8.18 10.81
N THR B 185 -14.98 9.53 10.78
CA THR B 185 -16.14 10.42 10.88
C THR B 185 -16.32 11.23 9.62
N ASP B 186 -17.58 11.60 9.32
CA ASP B 186 -17.95 12.44 8.17
C ASP B 186 -17.26 13.80 8.28
N GLU B 187 -17.16 14.33 9.51
CA GLU B 187 -16.49 15.58 9.83
C GLU B 187 -14.99 15.53 9.44
N SER B 188 -14.29 14.43 9.82
CA SER B 188 -12.87 14.30 9.49
C SER B 188 -12.62 14.13 7.99
N ILE B 189 -13.43 13.31 7.30
CA ILE B 189 -13.36 13.07 5.85
C ILE B 189 -13.63 14.39 5.08
N SER B 190 -14.66 15.17 5.50
CA SER B 190 -15.01 16.46 4.91
C SER B 190 -13.83 17.44 4.96
N GLY B 191 -13.24 17.60 6.15
CA GLY B 191 -12.08 18.46 6.37
C GLY B 191 -10.88 18.05 5.54
N PHE B 192 -10.67 16.72 5.42
CA PHE B 192 -9.59 16.12 4.62
C PHE B 192 -9.83 16.46 3.17
N ALA B 193 -11.09 16.29 2.69
CA ALA B 193 -11.50 16.63 1.32
C ALA B 193 -11.20 18.11 1.00
N HIS B 194 -11.74 19.05 1.81
CA HIS B 194 -11.54 20.51 1.65
C HIS B 194 -10.05 20.89 1.53
N SER B 195 -9.19 20.30 2.40
CA SER B 195 -7.73 20.53 2.41
C SER B 195 -7.05 20.11 1.11
N CYS B 196 -7.46 18.97 0.53
CA CYS B 196 -6.89 18.46 -0.72
C CYS B 196 -7.29 19.29 -1.93
N PHE B 197 -8.58 19.66 -2.01
CA PHE B 197 -9.11 20.48 -3.09
C PHE B 197 -8.45 21.86 -3.12
N GLN B 198 -8.33 22.51 -1.95
CA GLN B 198 -7.71 23.83 -1.78
C GLN B 198 -6.25 23.79 -2.16
N TYR B 199 -5.51 22.77 -1.67
CA TYR B 199 -4.09 22.60 -2.02
C TYR B 199 -3.89 22.38 -3.52
N ALA B 200 -4.77 21.59 -4.15
CA ALA B 200 -4.73 21.31 -5.59
C ALA B 200 -4.93 22.60 -6.39
N ILE B 201 -5.89 23.46 -6.00
CA ILE B 201 -6.15 24.74 -6.65
C ILE B 201 -4.90 25.62 -6.54
N GLN B 202 -4.35 25.74 -5.33
CA GLN B 202 -3.15 26.50 -4.98
C GLN B 202 -1.97 26.08 -5.89
N LYS B 203 -1.76 24.76 -6.07
CA LYS B 203 -0.71 24.19 -6.90
C LYS B 203 -1.01 24.28 -8.38
N LYS B 204 -2.31 24.40 -8.73
CA LYS B 204 -2.86 24.41 -10.11
C LYS B 204 -2.59 23.00 -10.67
N TRP B 205 -2.83 22.00 -9.83
CA TRP B 205 -2.61 20.58 -10.14
C TRP B 205 -3.91 19.81 -10.05
N PRO B 206 -4.09 18.75 -10.87
CA PRO B 206 -5.30 17.92 -10.70
C PRO B 206 -5.20 17.11 -9.40
N LEU B 207 -6.35 16.69 -8.88
CA LEU B 207 -6.40 15.90 -7.65
C LEU B 207 -6.96 14.49 -7.90
N TYR B 208 -6.26 13.48 -7.38
CA TYR B 208 -6.69 12.09 -7.46
C TYR B 208 -6.87 11.58 -6.04
N MET B 209 -7.99 10.90 -5.78
CA MET B 209 -8.27 10.32 -4.46
C MET B 209 -8.48 8.83 -4.68
N SER B 210 -7.80 8.00 -3.88
CA SER B 210 -7.87 6.54 -3.99
C SER B 210 -8.55 5.87 -2.81
N THR B 211 -9.33 4.80 -3.08
CA THR B 211 -9.99 3.94 -2.06
C THR B 211 -10.13 2.53 -2.64
N LYS B 212 -10.74 1.63 -1.86
CA LYS B 212 -11.10 0.31 -2.33
C LYS B 212 -12.61 0.12 -2.03
N ASN B 213 -13.42 1.10 -2.50
CA ASN B 213 -14.86 1.15 -2.23
C ASN B 213 -15.66 -0.04 -2.83
N THR B 214 -15.10 -0.73 -3.84
CA THR B 214 -15.76 -1.93 -4.41
C THR B 214 -15.85 -3.05 -3.36
N ILE B 215 -14.88 -3.08 -2.40
CA ILE B 215 -14.76 -4.06 -1.30
C ILE B 215 -15.39 -3.52 -0.03
N LEU B 216 -14.93 -2.34 0.45
CA LEU B 216 -15.49 -1.68 1.63
C LEU B 216 -16.50 -0.68 1.07
N LYS B 217 -17.66 -1.21 0.63
CA LYS B 217 -18.74 -0.45 -0.04
C LYS B 217 -19.29 0.72 0.78
N ALA B 218 -19.48 0.53 2.09
CA ALA B 218 -19.99 1.58 2.98
C ALA B 218 -18.87 2.50 3.49
N TYR B 219 -17.80 1.90 4.06
CA TYR B 219 -16.65 2.62 4.64
C TYR B 219 -15.92 3.51 3.62
N ASP B 220 -15.39 2.88 2.55
CA ASP B 220 -14.66 3.59 1.51
C ASP B 220 -15.58 4.35 0.59
N GLY B 221 -16.83 3.86 0.49
CA GLY B 221 -17.89 4.53 -0.25
C GLY B 221 -18.16 5.92 0.28
N ARG B 222 -18.11 6.10 1.62
CA ARG B 222 -18.31 7.37 2.31
C ARG B 222 -17.23 8.39 1.90
N PHE B 223 -15.95 7.95 1.79
CA PHE B 223 -14.85 8.82 1.34
C PHE B 223 -15.13 9.32 -0.06
N LYS B 224 -15.49 8.42 -0.99
CA LYS B 224 -15.78 8.72 -2.39
C LYS B 224 -16.96 9.71 -2.52
N ASP B 225 -18.04 9.45 -1.77
CA ASP B 225 -19.26 10.26 -1.75
C ASP B 225 -19.01 11.66 -1.20
N ILE B 226 -18.30 11.77 -0.07
CA ILE B 226 -17.99 13.04 0.57
C ILE B 226 -17.08 13.88 -0.34
N PHE B 227 -16.03 13.27 -0.92
CA PHE B 227 -15.15 13.96 -1.85
C PHE B 227 -15.92 14.46 -3.07
N GLN B 228 -16.74 13.59 -3.70
CA GLN B 228 -17.56 13.97 -4.87
C GLN B 228 -18.59 15.07 -4.55
N GLU B 229 -19.27 14.96 -3.38
CA GLU B 229 -20.25 15.94 -2.89
C GLU B 229 -19.60 17.32 -2.78
N ILE B 230 -18.49 17.41 -2.00
CA ILE B 230 -17.72 18.62 -1.74
C ILE B 230 -17.15 19.24 -3.03
N PHE B 231 -16.75 18.41 -4.01
CA PHE B 231 -16.21 18.91 -5.27
C PHE B 231 -17.28 19.62 -6.10
N ASP B 232 -18.43 18.94 -6.35
CA ASP B 232 -19.54 19.47 -7.13
C ASP B 232 -20.13 20.77 -6.54
N LYS B 233 -20.23 20.82 -5.21
CA LYS B 233 -20.78 21.94 -4.45
C LYS B 233 -19.83 23.12 -4.29
N HIS B 234 -18.54 22.86 -4.00
CA HIS B 234 -17.61 23.93 -3.70
C HIS B 234 -16.41 24.16 -4.64
N TYR B 235 -15.91 23.13 -5.36
CA TYR B 235 -14.66 23.30 -6.12
C TYR B 235 -14.71 23.08 -7.63
N LYS B 236 -15.84 22.58 -8.19
CA LYS B 236 -15.99 22.32 -9.64
C LYS B 236 -15.59 23.51 -10.51
N THR B 237 -16.12 24.71 -10.18
CA THR B 237 -15.86 25.96 -10.90
C THR B 237 -14.39 26.38 -10.78
N ASP B 238 -13.84 26.33 -9.55
CA ASP B 238 -12.44 26.68 -9.27
C ASP B 238 -11.46 25.75 -10.00
N PHE B 239 -11.79 24.45 -10.08
CA PHE B 239 -10.97 23.47 -10.81
C PHE B 239 -11.10 23.71 -12.33
N ASP B 240 -12.34 23.91 -12.81
CA ASP B 240 -12.63 24.18 -14.24
C ASP B 240 -11.91 25.42 -14.77
N LYS B 241 -11.88 26.51 -13.98
CA LYS B 241 -11.21 27.76 -14.41
C LYS B 241 -9.68 27.63 -14.41
N ASN B 242 -9.14 26.76 -13.54
CA ASN B 242 -7.70 26.56 -13.42
C ASN B 242 -7.16 25.42 -14.29
N LYS B 243 -7.99 24.90 -15.23
CA LYS B 243 -7.66 23.82 -16.18
C LYS B 243 -7.24 22.49 -15.48
N ILE B 244 -7.80 22.24 -14.28
CA ILE B 244 -7.49 21.04 -13.50
C ILE B 244 -8.75 20.19 -13.27
N TRP B 245 -8.59 18.99 -12.71
CA TRP B 245 -9.69 18.06 -12.50
C TRP B 245 -9.55 17.24 -11.23
N TYR B 246 -10.65 16.66 -10.76
CA TYR B 246 -10.67 15.74 -9.63
C TYR B 246 -11.18 14.40 -10.14
N GLU B 247 -10.53 13.31 -9.73
CA GLU B 247 -10.90 11.95 -10.13
C GLU B 247 -10.72 10.95 -8.99
N HIS B 248 -11.71 10.06 -8.82
CA HIS B 248 -11.63 8.97 -7.86
C HIS B 248 -11.10 7.75 -8.60
N ARG B 249 -10.12 7.07 -8.01
CA ARG B 249 -9.58 5.84 -8.59
C ARG B 249 -9.48 4.75 -7.56
N LEU B 250 -9.59 3.48 -7.97
CA LEU B 250 -9.38 2.37 -7.05
C LEU B 250 -7.88 2.33 -6.76
N ILE B 251 -7.53 2.03 -5.50
CA ILE B 251 -6.14 2.06 -5.06
C ILE B 251 -5.19 1.20 -5.96
N ASP B 252 -5.62 0.00 -6.37
CA ASP B 252 -4.84 -0.93 -7.19
C ASP B 252 -4.45 -0.32 -8.51
N ASP B 253 -5.39 0.39 -9.14
CA ASP B 253 -5.18 1.11 -10.37
C ASP B 253 -4.33 2.36 -10.10
N MET B 254 -4.69 3.13 -9.08
CA MET B 254 -3.99 4.37 -8.73
C MET B 254 -2.46 4.21 -8.58
N VAL B 255 -2.02 3.22 -7.78
CA VAL B 255 -0.59 3.02 -7.52
C VAL B 255 0.17 2.77 -8.85
N ALA B 256 -0.40 1.95 -9.76
CA ALA B 256 0.17 1.66 -11.09
C ALA B 256 0.15 2.92 -11.96
N GLN B 257 -0.98 3.67 -11.93
CA GLN B 257 -1.10 4.95 -12.65
C GLN B 257 0.02 5.90 -12.20
N VAL B 258 0.26 5.97 -10.87
CA VAL B 258 1.32 6.83 -10.29
C VAL B 258 2.71 6.45 -10.79
N LEU B 259 3.04 5.13 -10.76
CA LEU B 259 4.34 4.62 -11.16
C LEU B 259 4.68 4.89 -12.62
N LYS B 260 3.66 4.90 -13.51
CA LYS B 260 3.88 5.17 -14.94
C LYS B 260 3.69 6.64 -15.29
N SER B 261 3.27 7.46 -14.33
CA SER B 261 3.07 8.89 -14.55
C SER B 261 4.39 9.65 -14.63
N SER B 262 4.31 10.95 -14.98
CA SER B 262 5.46 11.85 -15.04
C SER B 262 5.40 12.83 -13.88
N GLY B 263 4.49 12.58 -12.93
CA GLY B 263 4.28 13.38 -11.73
C GLY B 263 3.38 14.58 -11.97
N GLY B 264 3.48 15.57 -11.08
CA GLY B 264 2.73 16.83 -11.19
C GLY B 264 1.27 16.80 -10.80
N PHE B 265 0.94 16.12 -9.71
CA PHE B 265 -0.44 16.02 -9.22
C PHE B 265 -0.48 15.85 -7.71
N VAL B 266 -1.68 16.03 -7.14
CA VAL B 266 -1.97 15.82 -5.72
C VAL B 266 -2.70 14.48 -5.61
N TRP B 267 -2.27 13.65 -4.67
CA TRP B 267 -2.83 12.33 -4.44
C TRP B 267 -3.39 12.27 -3.01
N ALA B 268 -4.72 12.32 -2.86
CA ALA B 268 -5.41 12.21 -1.58
C ALA B 268 -5.43 10.73 -1.21
N CYS B 269 -4.80 10.40 -0.09
CA CYS B 269 -4.68 9.03 0.40
C CYS B 269 -5.39 8.87 1.73
N LYS B 270 -6.08 7.73 1.89
CA LYS B 270 -6.64 7.31 3.16
C LYS B 270 -5.41 7.12 4.09
N ASN B 271 -5.61 7.21 5.41
CA ASN B 271 -4.60 7.12 6.46
C ASN B 271 -3.49 6.08 6.19
N TYR B 272 -3.87 4.80 6.04
CA TYR B 272 -2.94 3.70 5.81
C TYR B 272 -2.16 3.84 4.51
N ASP B 273 -2.87 4.06 3.38
CA ASP B 273 -2.24 4.20 2.06
C ASP B 273 -1.24 5.35 2.05
N GLY B 274 -1.60 6.45 2.72
CA GLY B 274 -0.81 7.66 2.86
C GLY B 274 0.59 7.38 3.37
N ASP B 275 0.69 6.51 4.38
CA ASP B 275 1.98 6.13 4.92
C ASP B 275 2.75 5.26 3.95
N VAL B 276 2.11 4.21 3.42
CA VAL B 276 2.78 3.27 2.53
C VAL B 276 3.30 3.96 1.25
N GLN B 277 2.41 4.67 0.57
CA GLN B 277 2.66 5.33 -0.70
C GLN B 277 3.60 6.50 -0.58
N SER B 278 3.61 7.21 0.56
CA SER B 278 4.56 8.30 0.80
C SER B 278 5.97 7.76 0.76
N ASP B 279 6.21 6.57 1.34
CA ASP B 279 7.52 5.96 1.37
C ASP B 279 7.94 5.44 0.00
N ILE B 280 6.97 4.96 -0.83
CA ILE B 280 7.26 4.60 -2.22
C ILE B 280 7.70 5.87 -2.96
N LEU B 281 6.93 6.98 -2.78
CA LEU B 281 7.24 8.27 -3.40
C LEU B 281 8.61 8.76 -3.01
N ALA B 282 8.90 8.81 -1.68
CA ALA B 282 10.17 9.25 -1.11
C ALA B 282 11.33 8.44 -1.67
N GLN B 283 11.22 7.11 -1.64
CA GLN B 283 12.28 6.26 -2.18
C GLN B 283 12.49 6.45 -3.69
N GLY B 284 11.38 6.53 -4.45
CA GLY B 284 11.37 6.69 -5.90
C GLY B 284 12.02 7.98 -6.36
N PHE B 285 11.79 9.07 -5.63
CA PHE B 285 12.41 10.36 -5.97
C PHE B 285 13.89 10.40 -5.57
N GLY B 286 14.30 9.55 -4.63
CA GLY B 286 15.70 9.52 -4.21
C GLY B 286 15.95 8.87 -2.87
N SER B 287 15.31 9.37 -1.82
CA SER B 287 15.52 8.84 -0.47
C SER B 287 14.41 9.16 0.48
N LEU B 288 14.31 8.35 1.56
CA LEU B 288 13.43 8.61 2.70
C LEU B 288 13.91 9.87 3.45
N GLY B 289 15.20 10.20 3.31
CA GLY B 289 15.81 11.38 3.91
C GLY B 289 15.51 12.67 3.16
N LEU B 290 14.93 12.55 1.95
CA LEU B 290 14.59 13.65 1.07
C LEU B 290 13.08 13.78 0.83
N MET B 291 12.32 14.02 1.90
CA MET B 291 10.87 14.19 1.86
C MET B 291 10.42 14.97 3.09
N THR B 292 9.56 15.99 2.88
CA THR B 292 8.95 16.79 3.94
C THR B 292 7.63 16.16 4.35
N SER B 293 7.20 16.42 5.58
CA SER B 293 5.94 15.93 6.11
C SER B 293 5.35 16.98 7.04
N VAL B 294 4.18 17.54 6.68
CA VAL B 294 3.54 18.58 7.48
C VAL B 294 2.07 18.23 7.73
N LEU B 295 1.69 18.17 9.00
CA LEU B 295 0.29 17.94 9.35
C LEU B 295 -0.39 19.33 9.36
N VAL B 296 -1.40 19.52 8.51
CA VAL B 296 -2.14 20.78 8.42
C VAL B 296 -3.51 20.52 9.03
N CYS B 297 -3.75 21.08 10.22
CA CYS B 297 -4.98 20.91 11.01
C CYS B 297 -6.21 21.60 10.39
N PRO B 298 -7.45 21.16 10.73
CA PRO B 298 -8.65 21.77 10.14
C PRO B 298 -8.83 23.27 10.40
N ASP B 299 -8.33 23.78 11.54
CA ASP B 299 -8.42 25.19 11.92
C ASP B 299 -7.69 26.17 10.98
N GLY B 300 -6.86 25.63 10.09
CA GLY B 300 -6.06 26.37 9.12
C GLY B 300 -5.04 27.30 9.76
N LYS B 301 -4.54 26.92 10.96
CA LYS B 301 -3.59 27.70 11.75
C LYS B 301 -2.51 26.79 12.32
N THR B 302 -2.94 25.67 12.95
CA THR B 302 -2.07 24.70 13.60
C THR B 302 -1.43 23.75 12.58
N ILE B 303 -0.12 23.52 12.73
CA ILE B 303 0.68 22.61 11.92
C ILE B 303 1.63 21.81 12.80
N GLU B 304 2.07 20.66 12.29
CA GLU B 304 3.06 19.80 12.92
C GLU B 304 3.98 19.32 11.82
N ALA B 305 5.25 19.75 11.86
CA ALA B 305 6.22 19.35 10.84
C ALA B 305 7.11 18.23 11.36
N GLU B 306 7.44 17.28 10.48
CA GLU B 306 8.25 16.10 10.82
C GLU B 306 8.91 15.55 9.56
N ALA B 307 9.70 14.49 9.73
CA ALA B 307 10.26 13.70 8.66
C ALA B 307 9.21 12.58 8.45
N ALA B 308 9.12 12.02 7.24
CA ALA B 308 8.18 10.93 6.97
C ALA B 308 8.76 9.58 7.48
N HIS B 309 10.09 9.48 7.55
CA HIS B 309 10.78 8.27 7.99
C HIS B 309 10.70 8.05 9.52
N GLY B 310 11.20 6.90 9.96
CA GLY B 310 11.24 6.55 11.37
C GLY B 310 12.54 6.93 12.05
N THR B 311 12.84 6.27 13.16
CA THR B 311 14.03 6.52 14.00
C THR B 311 15.33 5.99 13.42
N VAL B 312 15.27 5.19 12.33
CA VAL B 312 16.39 4.59 11.60
C VAL B 312 17.17 3.61 12.55
N THR B 313 16.41 2.74 13.22
CA THR B 313 16.87 1.71 14.16
C THR B 313 18.12 0.96 13.66
N ARG B 314 18.10 0.47 12.40
CA ARG B 314 19.22 -0.27 11.82
C ARG B 314 20.55 0.51 11.84
N HIS B 315 20.49 1.83 11.60
CA HIS B 315 21.66 2.71 11.64
C HIS B 315 22.07 2.93 13.09
N TYR B 316 21.09 3.05 14.01
CA TYR B 316 21.36 3.21 15.44
C TYR B 316 22.02 1.96 16.04
N ARG B 317 21.68 0.75 15.54
CA ARG B 317 22.27 -0.51 15.99
C ARG B 317 23.77 -0.57 15.65
N GLU B 318 24.17 0.10 14.55
CA GLU B 318 25.57 0.18 14.15
C GLU B 318 26.28 1.23 15.03
N HIS B 319 25.60 2.37 15.29
CA HIS B 319 26.09 3.44 16.17
C HIS B 319 26.39 2.87 17.57
N GLN B 320 25.48 2.02 18.12
CA GLN B 320 25.59 1.32 19.41
C GLN B 320 26.80 0.39 19.48
N LYS B 321 27.24 -0.14 18.32
CA LYS B 321 28.40 -1.01 18.19
C LYS B 321 29.71 -0.20 18.15
N GLY B 322 29.58 1.14 18.11
CA GLY B 322 30.70 2.08 18.04
C GLY B 322 31.12 2.35 16.62
N ARG B 323 30.37 1.83 15.66
CA ARG B 323 30.69 2.00 14.28
C ARG B 323 30.11 3.26 13.64
N PRO B 324 30.73 3.74 12.58
CA PRO B 324 30.22 4.99 11.99
C PRO B 324 28.93 4.74 11.19
N THR B 325 28.08 5.76 11.12
CA THR B 325 26.79 5.69 10.43
C THR B 325 26.71 6.81 9.39
N SER B 326 25.83 6.63 8.38
CA SER B 326 25.60 7.63 7.35
C SER B 326 24.08 7.80 7.19
N THR B 327 23.47 8.55 8.10
CA THR B 327 22.04 8.79 8.14
C THR B 327 21.74 10.18 7.65
N ASN B 328 20.82 10.28 6.67
CA ASN B 328 20.38 11.55 6.06
C ASN B 328 19.56 12.44 7.03
N PRO B 329 20.08 13.62 7.42
CA PRO B 329 19.36 14.49 8.36
C PRO B 329 18.47 15.56 7.71
N ILE B 330 18.47 15.65 6.38
CA ILE B 330 17.76 16.69 5.62
C ILE B 330 16.26 16.72 5.96
N ALA B 331 15.58 15.56 5.93
CA ALA B 331 14.15 15.51 6.29
C ALA B 331 13.92 16.08 7.69
N SER B 332 14.80 15.73 8.65
CA SER B 332 14.78 16.24 10.03
C SER B 332 15.05 17.77 10.07
N ILE B 333 16.00 18.28 9.26
CA ILE B 333 16.30 19.71 9.18
C ILE B 333 15.06 20.45 8.65
N PHE B 334 14.43 19.88 7.60
CA PHE B 334 13.23 20.45 6.97
C PHE B 334 12.03 20.47 7.92
N ALA B 335 11.97 19.56 8.90
CA ALA B 335 10.91 19.57 9.92
C ALA B 335 11.04 20.86 10.77
N TRP B 336 12.28 21.26 11.11
CA TRP B 336 12.54 22.50 11.86
C TRP B 336 12.25 23.73 11.01
N THR B 337 12.79 23.74 9.77
CA THR B 337 12.60 24.88 8.85
C THR B 337 11.15 25.14 8.54
N ARG B 338 10.34 24.10 8.33
CA ARG B 338 8.90 24.24 8.04
C ARG B 338 8.13 24.78 9.24
N GLY B 339 8.52 24.34 10.43
CA GLY B 339 7.94 24.82 11.67
C GLY B 339 8.27 26.29 11.89
N LEU B 340 9.54 26.67 11.67
CA LEU B 340 10.02 28.05 11.82
C LEU B 340 9.39 28.98 10.77
N GLU B 341 9.28 28.49 9.51
CA GLU B 341 8.66 29.15 8.35
C GLU B 341 7.20 29.51 8.66
N HIS B 342 6.45 28.57 9.26
CA HIS B 342 5.04 28.77 9.62
C HIS B 342 4.90 29.72 10.81
N ARG B 343 5.81 29.62 11.80
CA ARG B 343 5.87 30.52 12.97
C ARG B 343 6.11 31.95 12.47
N GLY B 344 7.03 32.09 11.52
CA GLY B 344 7.37 33.35 10.87
C GLY B 344 6.21 33.96 10.12
N LYS B 345 5.41 33.11 9.43
CA LYS B 345 4.24 33.52 8.66
C LYS B 345 3.14 34.09 9.57
N LEU B 346 2.74 33.35 10.62
CA LEU B 346 1.70 33.77 11.57
C LEU B 346 2.04 35.06 12.33
N ASP B 347 3.32 35.24 12.71
CA ASP B 347 3.81 36.41 13.45
C ASP B 347 4.20 37.59 12.54
N GLY B 348 4.51 37.31 11.28
CA GLY B 348 4.93 38.32 10.30
C GLY B 348 6.42 38.56 10.31
N ASN B 349 7.18 37.68 10.99
CA ASN B 349 8.64 37.72 11.15
C ASN B 349 9.33 37.28 9.84
N GLN B 350 9.70 38.25 8.97
CA GLN B 350 10.33 38.00 7.68
C GLN B 350 11.75 37.44 7.78
N ASP B 351 12.48 37.78 8.86
CA ASP B 351 13.85 37.31 9.07
C ASP B 351 13.91 35.82 9.42
N LEU B 352 12.87 35.31 10.12
CA LEU B 352 12.74 33.90 10.48
C LEU B 352 12.40 33.10 9.21
N ILE B 353 11.48 33.64 8.38
CA ILE B 353 11.07 33.04 7.11
C ILE B 353 12.30 32.89 6.20
N ARG B 354 13.12 33.96 6.08
CA ARG B 354 14.32 33.98 5.25
C ARG B 354 15.42 33.04 5.76
N PHE B 355 15.56 32.89 7.09
CA PHE B 355 16.52 31.95 7.70
C PHE B 355 16.10 30.51 7.37
N ALA B 356 14.80 30.19 7.59
CA ALA B 356 14.19 28.88 7.32
C ALA B 356 14.42 28.49 5.87
N GLN B 357 14.19 29.44 4.95
CA GLN B 357 14.38 29.25 3.50
C GLN B 357 15.85 29.11 3.12
N MET B 358 16.73 29.82 3.85
CA MET B 358 18.18 29.79 3.64
C MET B 358 18.74 28.43 4.05
N LEU B 359 18.30 27.91 5.21
CA LEU B 359 18.75 26.60 5.70
C LEU B 359 18.29 25.45 4.78
N GLU B 360 17.08 25.58 4.19
CA GLU B 360 16.56 24.62 3.21
C GLU B 360 17.43 24.63 1.96
N LYS B 361 17.78 25.85 1.48
CA LYS B 361 18.66 26.08 0.33
C LYS B 361 20.05 25.47 0.57
N VAL B 362 20.60 25.61 1.80
CA VAL B 362 21.91 25.07 2.19
C VAL B 362 21.93 23.54 2.01
N CYS B 363 20.91 22.83 2.53
CA CYS B 363 20.72 21.38 2.42
C CYS B 363 20.83 20.88 0.99
N VAL B 364 20.00 21.45 0.09
CA VAL B 364 19.93 21.08 -1.34
C VAL B 364 21.27 21.41 -2.01
N GLU B 365 21.83 22.60 -1.75
CA GLU B 365 23.11 23.01 -2.35
C GLU B 365 24.27 22.14 -1.90
N THR B 366 24.27 21.68 -0.62
CA THR B 366 25.30 20.77 -0.07
C THR B 366 25.30 19.44 -0.84
N VAL B 367 24.11 18.84 -1.06
CA VAL B 367 23.99 17.60 -1.82
C VAL B 367 24.42 17.85 -3.28
N GLU B 368 23.90 18.95 -3.88
CA GLU B 368 24.22 19.32 -5.26
C GLU B 368 25.74 19.61 -5.47
N SER B 369 26.46 19.97 -4.38
CA SER B 369 27.91 20.21 -4.38
C SER B 369 28.70 18.89 -4.32
N GLY B 370 27.99 17.77 -4.14
CA GLY B 370 28.58 16.43 -4.08
C GLY B 370 28.83 15.88 -2.68
N ALA B 371 28.50 16.66 -1.64
CA ALA B 371 28.66 16.24 -0.25
C ALA B 371 27.33 15.62 0.20
N MET B 372 27.33 14.31 0.49
CA MET B 372 26.10 13.58 0.83
C MET B 372 26.31 12.31 1.67
N THR B 373 25.21 11.78 2.23
CA THR B 373 25.17 10.54 3.01
C THR B 373 25.03 9.33 2.08
N LYS B 374 25.30 8.10 2.60
CA LYS B 374 25.28 6.81 1.89
C LYS B 374 24.04 6.56 1.01
N ASP B 375 22.83 6.87 1.51
CA ASP B 375 21.55 6.71 0.80
C ASP B 375 21.57 7.39 -0.57
N LEU B 376 22.05 8.65 -0.60
CA LEU B 376 22.13 9.47 -1.79
C LEU B 376 23.28 9.09 -2.69
N ALA B 377 24.46 8.79 -2.12
CA ALA B 377 25.65 8.36 -2.87
C ALA B 377 25.37 7.02 -3.56
N GLY B 378 24.56 6.18 -2.90
CA GLY B 378 24.13 4.89 -3.41
C GLY B 378 23.24 5.00 -4.63
N CYS B 379 22.53 6.15 -4.77
CA CYS B 379 21.68 6.45 -5.94
C CYS B 379 22.61 6.65 -7.16
N ILE B 380 23.77 7.31 -6.94
CA ILE B 380 24.76 7.61 -7.97
C ILE B 380 25.69 6.43 -8.28
N HIS B 381 26.29 5.79 -7.24
CA HIS B 381 27.29 4.74 -7.42
C HIS B 381 26.83 3.29 -7.13
N GLY B 382 25.60 3.10 -6.64
CA GLY B 382 25.07 1.77 -6.34
C GLY B 382 25.35 1.40 -4.90
N LEU B 383 24.32 0.92 -4.18
CA LEU B 383 24.40 0.56 -2.75
C LEU B 383 25.42 -0.55 -2.39
N SER B 384 25.93 -1.30 -3.39
CA SER B 384 26.91 -2.36 -3.20
C SER B 384 28.34 -1.96 -3.59
N ASN B 385 28.50 -1.02 -4.57
CA ASN B 385 29.79 -0.55 -5.07
C ASN B 385 29.77 0.94 -5.40
N LEU B 388 31.78 2.24 -2.05
CA LEU B 388 30.84 3.33 -1.81
C LEU B 388 31.35 4.32 -0.76
N ASN B 389 32.18 3.84 0.22
CA ASN B 389 32.81 4.55 1.35
C ASN B 389 33.48 5.89 0.98
N GLU B 390 34.04 5.98 -0.25
CA GLU B 390 34.75 7.13 -0.79
C GLU B 390 33.82 8.21 -1.35
N HIS B 391 32.52 7.89 -1.52
CA HIS B 391 31.54 8.79 -2.12
C HIS B 391 30.51 9.38 -1.13
N PHE B 392 30.61 9.03 0.16
CA PHE B 392 29.70 9.57 1.15
C PHE B 392 30.39 10.04 2.42
N LEU B 393 29.75 10.98 3.13
CA LEU B 393 30.19 11.48 4.42
C LEU B 393 29.36 10.76 5.48
N ASN B 394 29.91 10.55 6.66
CA ASN B 394 29.13 9.97 7.71
C ASN B 394 28.18 11.02 8.29
N THR B 395 27.33 10.61 9.21
CA THR B 395 26.35 11.49 9.79
C THR B 395 26.87 12.81 10.34
N THR B 396 27.77 12.78 11.30
CA THR B 396 28.27 14.02 11.88
C THR B 396 29.09 14.85 10.93
N ASP B 397 29.79 14.20 10.03
CA ASP B 397 30.62 14.84 9.04
C ASP B 397 29.75 15.63 8.09
N PHE B 398 28.63 15.04 7.68
CA PHE B 398 27.69 15.68 6.78
C PHE B 398 27.06 16.86 7.45
N LEU B 399 26.66 16.65 8.68
CA LEU B 399 26.05 17.67 9.53
C LEU B 399 27.00 18.87 9.76
N ASP B 400 28.32 18.59 9.89
CA ASP B 400 29.36 19.61 10.05
C ASP B 400 29.47 20.42 8.75
N THR B 401 29.28 19.76 7.58
CA THR B 401 29.28 20.41 6.27
C THR B 401 28.06 21.33 6.16
N ILE B 402 26.89 20.90 6.68
CA ILE B 402 25.67 21.71 6.70
C ILE B 402 25.95 22.98 7.54
N LYS B 403 26.53 22.78 8.75
CA LYS B 403 26.89 23.84 9.70
C LYS B 403 27.81 24.88 9.04
N SER B 404 28.88 24.40 8.38
CA SER B 404 29.88 25.21 7.67
C SER B 404 29.24 25.98 6.51
N ASN B 405 28.41 25.31 5.68
CA ASN B 405 27.74 25.93 4.54
C ASN B 405 26.69 26.95 4.95
N LEU B 406 26.03 26.74 6.12
CA LEU B 406 25.06 27.68 6.66
C LEU B 406 25.79 28.95 7.11
N ASP B 407 26.92 28.79 7.86
CA ASP B 407 27.79 29.89 8.35
C ASP B 407 28.23 30.77 7.17
N ARG B 408 28.70 30.12 6.09
CA ARG B 408 29.14 30.74 4.83
C ARG B 408 27.98 31.48 4.14
N ALA B 409 26.75 30.91 4.23
CA ALA B 409 25.55 31.51 3.63
C ALA B 409 25.11 32.73 4.41
N LEU B 410 25.29 32.71 5.74
CA LEU B 410 24.95 33.82 6.63
C LEU B 410 25.97 34.94 6.50
N GLY B 411 27.20 34.59 6.13
CA GLY B 411 28.30 35.53 5.91
C GLY B 411 27.99 36.54 4.82
N ARG B 412 27.32 36.08 3.74
CA ARG B 412 26.91 36.88 2.59
C ARG B 412 25.40 37.14 2.62
#